data_8HK5
#
_entry.id   8HK5
#
_cell.length_a   1.00
_cell.length_b   1.00
_cell.length_c   1.00
_cell.angle_alpha   90.00
_cell.angle_beta   90.00
_cell.angle_gamma   90.00
#
_symmetry.space_group_name_H-M   'P 1'
#
loop_
_entity.id
_entity.type
_entity.pdbx_description
1 polymer 'C5a anaphylatoxin chemotactic receptor 1'
2 polymer 'Complement C5'
3 polymer 'Guanine nucleotide-binding protein G(i) subunit alpha-1'
4 polymer 'Guanine nucleotide-binding protein G(I)/G(S)/G(T) subunit beta-1'
5 polymer 'Guanine nucleotide-binding protein subunit gamma'
6 non-polymer 'PALMITIC ACID'
#
loop_
_entity_poly.entity_id
_entity_poly.type
_entity_poly.pdbx_seq_one_letter_code
_entity_poly.pdbx_strand_id
1 'polypeptide(L)'
;MDSFNYTTPDYGHYDDKDTLDLNTPVDKTSNTLRVPDILALVIFAVVFLVGVLGNALVVWVTAFEAKRTINAIWFLNLAV
ADFLSCLALPILFTSIVQHHHWPFGGAACSILPSLILLNMYASILLLATISADRFLLVFKPIWCQNFRGAGLAWIACAVA
WGLALLLTIPSFLYRVVREEYFPPKVLCGVDYSHDKRRERAVAIVRLVLGFLWPLLTLTICYTFILLRTWSRRATRSTKT
LKVVVAVVASFFIFWLPYQVTGIMMSFLEPSSPTFLLLKKLDSLCVSFAYINCCINPIIYVVAGQGFQGRLRKSLPSLLR
NVLTEESVVRESKSFTRSTVDTMAQKTQAV
;
A
2 'polypeptide(L)' TLQKKIEEIAAKYKHSVVKKCCYDGACVNNDETCEQRAARISLGPRCIKAFTECCVVASQLRANISHKDMQLGR B
3 'polypeptide(L)'
;GCTLSAEDKAAVERSKMIDRNLREDGEKAAREVKLLLLGAGESGKSTIVKQMKIIHEAGYSEEECKQYKAVVYSNTIQSI
IAIIRAMGRLKIDFGDSARADDARQLFVLAGAAEEGFMTAELAGVIKRLWKDSGVQACFNRSREYQLNDSAAYYLNDLDR
IAQPNYIPTQQDVLRTRVKTTGIVETHFTFKDLHFKMFDVGAQRSERKKWIHCFEGVTAIIFCVALSDYDLVLAEDEEMN
RMHESMKLFDSICNNKWFTDTSIILFLNKKDLFEEKIKKSPLTICYPEYAGSNTYEEAAAYIQCQFEDLNKRKDTKEIYT
HFTCSTDTKNVQFVFDAVTDVIIKNNLKDCGLF
;
C
4 'polypeptide(L)'
;MGSLLQSELDQLRQEAEQLKNQIRDARKACADATLSQITNNIDPVGRIQMRTRRTLRGHLAKIYAMHWGTDSRLLVSASQ
DGKLIIWDSYTTNKVHAIPLRSSWVMTCAYAPSGNYVACGGLDNICSIYNLKTREGNVRVSRELAGHTGYLSCCRFLDDN
QIVTSSGDTTCALWDIETGQQTTTFTGHTGDVMSLSLAPDTRLFVSGACDASAKLWDVREGMCRQTFTGHESDINAICFF
PNGNAFATGSDDATCRLFDLRADQELMTYSHDNIICGITSVSFSKSGRLLLAGYDDFNCNVWDALKADRAGVLAGHDNRV
SCLGVTDDGMAVATGSWDSFLKIWN
;
D
5 'polypeptide(L)' ASNNTASIAQARKLVEQLKMEANIDRIKVSKAAADLMAYCEAHAKEDPLLTPVPASENPFREKKFFC G
#
# COMPACT_ATOMS: atom_id res chain seq x y z
N LEU A 22 66.40 1.93 19.75
CA LEU A 22 66.67 3.37 20.04
C LEU A 22 65.40 4.10 20.44
N ASN A 23 64.43 4.15 19.53
CA ASN A 23 63.16 4.82 19.79
C ASN A 23 62.12 3.91 20.44
N THR A 24 62.26 2.60 20.29
CA THR A 24 61.30 1.69 20.87
C THR A 24 61.36 1.75 22.40
N PRO A 25 60.27 1.41 23.09
CA PRO A 25 60.29 1.46 24.56
C PRO A 25 61.27 0.43 25.12
N VAL A 26 61.97 0.84 26.19
CA VAL A 26 62.96 -0.05 26.80
C VAL A 26 62.29 -1.24 27.46
N ASP A 27 61.09 -1.06 28.01
CA ASP A 27 60.35 -2.14 28.64
C ASP A 27 59.74 -3.11 27.65
N LYS A 28 59.96 -2.90 26.34
CA LYS A 28 59.54 -3.84 25.30
C LYS A 28 58.02 -4.00 25.25
N THR A 29 57.28 -3.08 25.84
CA THR A 29 55.81 -3.13 25.79
C THR A 29 55.25 -2.41 24.56
N SER A 30 55.68 -2.80 23.36
CA SER A 30 55.22 -2.16 22.14
C SER A 30 53.70 -2.32 22.02
N ASN A 31 53.01 -1.21 21.79
CA ASN A 31 51.56 -1.22 21.67
C ASN A 31 51.13 -1.81 20.32
N THR A 32 50.07 -2.60 20.35
CA THR A 32 49.53 -3.20 19.14
C THR A 32 48.08 -3.57 19.39
N LEU A 33 47.31 -3.63 18.31
CA LEU A 33 45.89 -3.96 18.41
C LEU A 33 45.71 -5.38 18.90
N ARG A 34 44.86 -5.55 19.91
CA ARG A 34 44.63 -6.87 20.48
C ARG A 34 43.66 -7.66 19.61
N VAL A 35 43.62 -8.98 19.84
CA VAL A 35 42.67 -9.83 19.12
C VAL A 35 41.24 -9.34 19.30
N PRO A 36 40.74 -9.09 20.51
CA PRO A 36 39.39 -8.51 20.61
C PRO A 36 39.24 -7.21 19.88
N ASP A 37 40.28 -6.37 19.82
CA ASP A 37 40.20 -5.14 19.07
C ASP A 37 40.06 -5.40 17.58
N ILE A 38 40.79 -6.40 17.06
CA ILE A 38 40.67 -6.75 15.64
C ILE A 38 39.28 -7.27 15.34
N LEU A 39 38.75 -8.12 16.22
CA LEU A 39 37.39 -8.61 16.04
C LEU A 39 36.39 -7.45 16.05
N ALA A 40 36.58 -6.50 16.98
CA ALA A 40 35.70 -5.35 17.04
C ALA A 40 35.77 -4.53 15.75
N LEU A 41 36.97 -4.37 15.20
CA LEU A 41 37.11 -3.61 13.96
C LEU A 41 36.42 -4.31 12.80
N VAL A 42 36.59 -5.62 12.70
CA VAL A 42 35.94 -6.37 11.62
C VAL A 42 34.42 -6.26 11.74
N ILE A 43 33.91 -6.48 12.95
CA ILE A 43 32.47 -6.37 13.17
C ILE A 43 31.98 -4.96 12.86
N PHE A 44 32.79 -3.96 13.22
CA PHE A 44 32.42 -2.57 12.94
C PHE A 44 32.29 -2.34 11.44
N ALA A 45 33.27 -2.82 10.66
CA ALA A 45 33.20 -2.64 9.21
C ALA A 45 31.97 -3.34 8.63
N VAL A 46 31.76 -4.60 9.00
CA VAL A 46 30.64 -5.37 8.44
C VAL A 46 29.31 -4.70 8.80
N VAL A 47 29.13 -4.37 10.08
CA VAL A 47 27.89 -3.74 10.52
C VAL A 47 27.71 -2.39 9.85
N PHE A 48 28.77 -1.58 9.76
CA PHE A 48 28.67 -0.31 9.06
C PHE A 48 28.11 -0.50 7.67
N LEU A 49 28.76 -1.33 6.86
CA LEU A 49 28.30 -1.54 5.49
C LEU A 49 26.84 -1.99 5.46
N VAL A 50 26.54 -3.11 6.12
CA VAL A 50 25.23 -3.72 5.95
C VAL A 50 24.13 -2.82 6.53
N GLY A 51 24.36 -2.28 7.72
CA GLY A 51 23.37 -1.40 8.33
C GLY A 51 23.16 -0.13 7.54
N VAL A 52 24.24 0.48 7.05
CA VAL A 52 24.08 1.66 6.19
C VAL A 52 23.15 1.34 5.03
N LEU A 53 23.46 0.27 4.28
CA LEU A 53 22.64 -0.06 3.12
C LEU A 53 21.19 -0.30 3.52
N GLY A 54 20.98 -1.19 4.51
CA GLY A 54 19.62 -1.56 4.87
C GLY A 54 18.83 -0.40 5.41
N ASN A 55 19.45 0.41 6.26
CA ASN A 55 18.75 1.54 6.86
C ASN A 55 18.44 2.62 5.84
N ALA A 56 19.34 2.84 4.88
CA ALA A 56 19.03 3.77 3.80
C ALA A 56 17.81 3.28 3.02
N LEU A 57 17.80 2.00 2.64
CA LEU A 57 16.67 1.46 1.91
C LEU A 57 15.37 1.59 2.71
N VAL A 58 15.43 1.26 4.01
CA VAL A 58 14.22 1.27 4.83
C VAL A 58 13.73 2.69 5.04
N VAL A 59 14.65 3.64 5.26
CA VAL A 59 14.27 5.04 5.39
C VAL A 59 13.56 5.51 4.13
N TRP A 60 14.14 5.21 2.97
CA TRP A 60 13.49 5.57 1.71
C TRP A 60 12.09 5.00 1.64
N VAL A 61 11.96 3.68 1.81
CA VAL A 61 10.67 3.02 1.62
C VAL A 61 9.64 3.57 2.60
N THR A 62 10.03 3.74 3.87
CA THR A 62 9.07 4.17 4.88
C THR A 62 8.69 5.63 4.72
N ALA A 63 9.65 6.50 4.37
CA ALA A 63 9.31 7.88 4.09
C ALA A 63 8.36 7.98 2.91
N PHE A 64 8.50 7.08 1.93
CA PHE A 64 7.53 7.03 0.85
C PHE A 64 6.19 6.49 1.34
N GLU A 65 6.23 5.54 2.26
CA GLU A 65 5.00 4.97 2.82
C GLU A 65 4.54 5.71 4.08
N ALA A 66 5.30 6.71 4.55
CA ALA A 66 4.93 7.41 5.77
C ALA A 66 3.57 8.10 5.65
N LYS A 67 3.16 8.44 4.43
CA LYS A 67 1.90 9.16 4.25
C LYS A 67 0.71 8.23 4.10
N ARG A 68 0.95 6.97 3.72
CA ARG A 68 -0.14 6.05 3.41
C ARG A 68 -0.43 5.06 4.54
N THR A 69 0.52 4.83 5.43
CA THR A 69 0.36 3.82 6.48
C THR A 69 0.87 4.35 7.80
N ILE A 70 0.34 3.79 8.89
CA ILE A 70 0.79 4.18 10.22
C ILE A 70 2.00 3.37 10.63
N ASN A 71 2.13 2.14 10.13
CA ASN A 71 3.25 1.29 10.51
C ASN A 71 4.58 1.89 10.05
N ALA A 72 4.55 2.66 8.96
CA ALA A 72 5.78 3.21 8.40
C ALA A 72 6.47 4.19 9.34
N ILE A 73 5.73 4.78 10.28
CA ILE A 73 6.32 5.82 11.14
C ILE A 73 7.34 5.20 12.10
N TRP A 74 6.94 4.13 12.78
CA TRP A 74 7.83 3.50 13.75
C TRP A 74 9.11 3.01 13.08
N PHE A 75 8.98 2.29 11.97
CA PHE A 75 10.15 1.75 11.29
C PHE A 75 10.97 2.86 10.63
N LEU A 76 10.34 3.95 10.21
CA LEU A 76 11.09 5.09 9.70
C LEU A 76 11.97 5.68 10.79
N ASN A 77 11.41 5.88 11.99
CA ASN A 77 12.20 6.39 13.10
C ASN A 77 13.32 5.42 13.45
N LEU A 78 13.01 4.13 13.51
CA LEU A 78 14.03 3.13 13.82
C LEU A 78 15.17 3.18 12.81
N ALA A 79 14.82 3.24 11.52
CA ALA A 79 15.84 3.25 10.47
C ALA A 79 16.66 4.53 10.51
N VAL A 80 16.04 5.67 10.82
CA VAL A 80 16.80 6.91 10.95
C VAL A 80 17.81 6.79 12.10
N ALA A 81 17.35 6.28 13.24
CA ALA A 81 18.24 6.13 14.38
C ALA A 81 19.40 5.19 14.06
N ASP A 82 19.10 4.04 13.44
CA ASP A 82 20.16 3.09 13.13
C ASP A 82 21.09 3.63 12.05
N PHE A 83 20.57 4.42 11.12
CA PHE A 83 21.42 5.02 10.10
C PHE A 83 22.39 6.02 10.72
N LEU A 84 21.90 6.83 11.67
CA LEU A 84 22.80 7.73 12.37
C LEU A 84 23.83 6.95 13.17
N SER A 85 23.41 5.90 13.87
CA SER A 85 24.36 5.08 14.63
C SER A 85 25.43 4.48 13.72
N CYS A 86 25.04 4.06 12.52
CA CYS A 86 26.00 3.47 11.60
C CYS A 86 26.95 4.53 11.05
N LEU A 87 26.43 5.68 10.65
CA LEU A 87 27.29 6.78 10.20
C LEU A 87 28.24 7.22 11.30
N ALA A 88 27.88 7.03 12.56
CA ALA A 88 28.80 7.37 13.65
C ALA A 88 29.90 6.32 13.82
N LEU A 89 29.80 5.18 13.15
CA LEU A 89 30.79 4.12 13.33
C LEU A 89 32.19 4.49 12.83
N PRO A 90 32.38 5.02 11.61
CA PRO A 90 33.75 5.29 11.15
C PRO A 90 34.58 6.08 12.15
N ILE A 91 33.96 7.01 12.88
CA ILE A 91 34.68 7.74 13.92
C ILE A 91 35.17 6.78 15.00
N LEU A 92 34.30 5.85 15.40
CA LEU A 92 34.70 4.83 16.37
C LEU A 92 35.81 3.95 15.80
N PHE A 93 35.74 3.63 14.51
CA PHE A 93 36.79 2.83 13.88
C PHE A 93 38.14 3.54 13.97
N THR A 94 38.18 4.82 13.59
CA THR A 94 39.42 5.57 13.66
C THR A 94 39.91 5.70 15.10
N SER A 95 38.99 5.91 16.04
CA SER A 95 39.37 6.01 17.44
C SER A 95 40.03 4.72 17.92
N ILE A 96 39.43 3.58 17.60
CA ILE A 96 40.00 2.30 17.99
C ILE A 96 41.37 2.10 17.34
N VAL A 97 41.47 2.44 16.05
CA VAL A 97 42.74 2.28 15.34
C VAL A 97 43.78 3.23 15.91
N GLN A 98 43.36 4.40 16.38
CA GLN A 98 44.28 5.41 16.90
C GLN A 98 44.51 5.27 18.40
N HIS A 99 44.18 4.11 18.99
CA HIS A 99 44.39 3.87 20.41
C HIS A 99 43.65 4.90 21.27
N HIS A 100 42.38 5.14 20.92
CA HIS A 100 41.51 6.02 21.70
C HIS A 100 42.03 7.46 21.74
N HIS A 101 42.71 7.88 20.67
CA HIS A 101 43.18 9.26 20.58
C HIS A 101 42.04 10.18 20.16
N TRP A 102 41.87 11.28 20.89
CA TRP A 102 40.80 12.22 20.64
C TRP A 102 41.36 13.46 19.96
N PRO A 103 41.28 13.58 18.63
CA PRO A 103 41.80 14.79 17.98
C PRO A 103 40.86 15.99 18.09
N PHE A 104 39.58 15.77 18.34
CA PHE A 104 38.61 16.85 18.38
C PHE A 104 38.75 17.64 19.68
N GLY A 105 37.99 18.72 19.79
CA GLY A 105 38.05 19.59 20.94
C GLY A 105 37.20 19.10 22.09
N GLY A 106 37.08 19.96 23.10
CA GLY A 106 36.33 19.63 24.31
C GLY A 106 34.82 19.66 24.13
N ALA A 107 34.33 20.28 23.06
CA ALA A 107 32.89 20.32 22.80
C ALA A 107 32.43 19.09 22.02
N ALA A 108 33.24 18.64 21.06
CA ALA A 108 32.89 17.41 20.35
C ALA A 108 32.86 16.21 21.29
N CYS A 109 33.77 16.18 22.27
CA CYS A 109 33.78 15.08 23.23
C CYS A 109 32.49 15.02 24.04
N SER A 110 31.84 16.16 24.23
CA SER A 110 30.58 16.17 24.98
C SER A 110 29.39 15.94 24.05
N ILE A 111 29.51 16.33 22.79
CA ILE A 111 28.38 16.24 21.87
C ILE A 111 28.29 14.85 21.24
N LEU A 112 29.33 14.43 20.53
CA LEU A 112 29.23 13.22 19.70
C LEU A 112 28.91 11.97 20.52
N PRO A 113 29.61 11.65 21.60
CA PRO A 113 29.23 10.46 22.38
C PRO A 113 27.79 10.53 22.86
N SER A 114 27.37 11.72 23.32
CA SER A 114 25.98 11.89 23.73
C SER A 114 25.04 11.63 22.56
N LEU A 115 25.40 12.11 21.37
CA LEU A 115 24.53 11.90 20.21
C LEU A 115 24.38 10.42 19.88
N ILE A 116 25.49 9.68 19.90
CA ILE A 116 25.42 8.26 19.54
C ILE A 116 24.66 7.48 20.62
N LEU A 117 24.88 7.82 21.90
CA LEU A 117 24.12 7.17 22.95
C LEU A 117 22.63 7.48 22.84
N LEU A 118 22.29 8.73 22.47
CA LEU A 118 20.91 9.10 22.25
C LEU A 118 20.31 8.28 21.12
N ASN A 119 21.05 8.12 20.03
CA ASN A 119 20.54 7.32 18.91
C ASN A 119 20.29 5.87 19.33
N MET A 120 21.22 5.29 20.09
CA MET A 120 21.05 3.90 20.53
C MET A 120 19.83 3.77 21.44
N TYR A 121 19.71 4.66 22.43
CA TYR A 121 18.57 4.59 23.34
C TYR A 121 17.25 4.83 22.58
N ALA A 122 17.29 5.70 21.57
CA ALA A 122 16.10 5.94 20.77
C ALA A 122 15.70 4.69 20.00
N SER A 123 16.68 4.00 19.41
CA SER A 123 16.38 2.76 18.72
C SER A 123 15.76 1.74 19.67
N ILE A 124 16.32 1.61 20.87
CA ILE A 124 15.79 0.65 21.84
C ILE A 124 14.36 1.00 22.21
N LEU A 125 14.12 2.26 22.60
CA LEU A 125 12.79 2.68 22.99
C LEU A 125 11.81 2.65 21.82
N LEU A 126 12.30 2.72 20.58
CA LEU A 126 11.43 2.61 19.43
C LEU A 126 11.01 1.16 19.19
N LEU A 127 11.94 0.22 19.35
CA LEU A 127 11.56 -1.18 19.37
C LEU A 127 10.53 -1.45 20.46
N ALA A 128 10.73 -0.85 21.64
CA ALA A 128 9.78 -1.02 22.73
C ALA A 128 8.40 -0.49 22.35
N THR A 129 8.36 0.71 21.75
CA THR A 129 7.08 1.29 21.36
C THR A 129 6.42 0.48 20.25
N ILE A 130 7.21 -0.12 19.36
CA ILE A 130 6.65 -0.98 18.33
C ILE A 130 6.00 -2.20 18.97
N SER A 131 6.68 -2.81 19.94
CA SER A 131 6.10 -3.94 20.65
C SER A 131 4.80 -3.53 21.35
N ALA A 132 4.80 -2.36 21.99
CA ALA A 132 3.59 -1.90 22.67
C ALA A 132 2.46 -1.66 21.68
N ASP A 133 2.76 -1.08 20.52
CA ASP A 133 1.74 -0.82 19.52
C ASP A 133 1.15 -2.12 18.98
N ARG A 134 2.01 -3.11 18.75
CA ARG A 134 1.52 -4.41 18.29
C ARG A 134 0.65 -5.07 19.35
N PHE A 135 1.05 -4.97 20.62
CA PHE A 135 0.23 -5.51 21.70
C PHE A 135 -1.13 -4.83 21.75
N LEU A 136 -1.15 -3.51 21.59
CA LEU A 136 -2.41 -2.78 21.60
C LEU A 136 -3.28 -3.17 20.41
N LEU A 137 -2.68 -3.34 19.23
CA LEU A 137 -3.43 -3.76 18.06
C LEU A 137 -4.00 -5.16 18.20
N VAL A 138 -3.29 -6.06 18.87
CA VAL A 138 -3.72 -7.44 19.04
C VAL A 138 -4.79 -7.57 20.13
N PHE A 139 -4.63 -6.84 21.24
CA PHE A 139 -5.55 -6.96 22.37
C PHE A 139 -6.70 -5.98 22.30
N LYS A 140 -6.48 -4.78 21.77
CA LYS A 140 -7.53 -3.75 21.69
C LYS A 140 -7.80 -3.38 20.23
N PRO A 141 -8.36 -4.31 19.45
CA PRO A 141 -8.62 -3.99 18.04
C PRO A 141 -9.68 -2.92 17.83
N ILE A 142 -10.73 -2.91 18.65
CA ILE A 142 -11.79 -1.93 18.47
C ILE A 142 -11.29 -0.52 18.78
N TRP A 143 -10.56 -0.35 19.88
CA TRP A 143 -10.03 0.96 20.22
C TRP A 143 -9.10 1.48 19.13
N CYS A 144 -8.27 0.60 18.57
CA CYS A 144 -7.37 1.01 17.49
C CYS A 144 -8.17 1.40 16.25
N GLN A 145 -9.12 0.56 15.85
CA GLN A 145 -9.95 0.87 14.69
C GLN A 145 -10.66 2.21 14.87
N ASN A 146 -11.00 2.55 16.12
CA ASN A 146 -11.79 3.76 16.35
C ASN A 146 -10.92 5.01 16.46
N PHE A 147 -9.73 4.89 17.04
CA PHE A 147 -8.94 6.07 17.37
C PHE A 147 -7.48 5.99 16.98
N ARG A 148 -7.03 4.94 16.30
CA ARG A 148 -5.63 4.84 15.90
C ARG A 148 -5.36 5.76 14.71
N GLY A 149 -4.18 6.35 14.69
CA GLY A 149 -3.81 7.26 13.63
C GLY A 149 -2.34 7.58 13.68
N ALA A 150 -1.90 8.40 12.72
CA ALA A 150 -0.49 8.78 12.64
C ALA A 150 -0.11 9.75 13.76
N GLY A 151 -1.07 10.54 14.25
CA GLY A 151 -0.75 11.49 15.31
C GLY A 151 -0.24 10.81 16.56
N LEU A 152 -0.91 9.75 16.99
CA LEU A 152 -0.48 9.04 18.19
C LEU A 152 0.87 8.38 17.98
N ALA A 153 1.12 7.85 16.77
CA ALA A 153 2.42 7.24 16.50
C ALA A 153 3.54 8.27 16.55
N TRP A 154 3.32 9.44 15.94
CA TRP A 154 4.32 10.49 16.00
C TRP A 154 4.54 10.98 17.43
N ILE A 155 3.47 11.06 18.21
CA ILE A 155 3.60 11.49 19.61
C ILE A 155 4.42 10.47 20.38
N ALA A 156 4.19 9.18 20.14
CA ALA A 156 4.94 8.14 20.83
C ALA A 156 6.41 8.19 20.42
N CYS A 157 6.68 8.40 19.13
CA CYS A 157 8.07 8.51 18.70
C CYS A 157 8.77 9.71 19.34
N ALA A 158 8.07 10.84 19.42
CA ALA A 158 8.64 12.02 20.07
C ALA A 158 8.91 11.75 21.54
N VAL A 159 7.99 11.06 22.21
CA VAL A 159 8.17 10.73 23.62
C VAL A 159 9.38 9.82 23.80
N ALA A 160 9.55 8.87 22.88
CA ALA A 160 10.70 7.98 22.95
C ALA A 160 12.00 8.74 22.77
N TRP A 161 12.04 9.65 21.78
CA TRP A 161 13.24 10.45 21.58
C TRP A 161 13.53 11.33 22.79
N GLY A 162 12.49 11.89 23.40
CA GLY A 162 12.69 12.71 24.59
C GLY A 162 13.21 11.90 25.76
N LEU A 163 12.69 10.70 25.96
CA LEU A 163 13.19 9.83 27.01
C LEU A 163 14.65 9.47 26.75
N ALA A 164 15.00 9.20 25.50
CA ALA A 164 16.38 8.90 25.16
C ALA A 164 17.29 10.09 25.50
N LEU A 165 16.86 11.30 25.14
CA LEU A 165 17.66 12.49 25.45
C LEU A 165 17.78 12.69 26.95
N LEU A 166 16.70 12.43 27.69
CA LEU A 166 16.75 12.56 29.14
C LEU A 166 17.72 11.57 29.76
N LEU A 167 17.75 10.34 29.23
CA LEU A 167 18.69 9.34 29.71
C LEU A 167 20.12 9.65 29.28
N THR A 168 20.29 10.39 28.19
CA THR A 168 21.60 10.76 27.68
C THR A 168 22.19 11.98 28.37
N ILE A 169 21.35 12.85 28.95
CA ILE A 169 21.85 14.06 29.60
C ILE A 169 23.15 13.81 30.37
N PRO A 170 23.29 12.75 31.16
CA PRO A 170 24.58 12.51 31.83
C PRO A 170 25.76 12.47 30.87
N SER A 171 25.55 12.02 29.64
CA SER A 171 26.63 12.04 28.66
C SER A 171 27.10 13.46 28.40
N PHE A 172 26.17 14.40 28.23
CA PHE A 172 26.54 15.80 28.08
C PHE A 172 27.18 16.33 29.36
N LEU A 173 26.73 15.84 30.51
CA LEU A 173 27.09 16.47 31.77
C LEU A 173 28.55 16.23 32.15
N TYR A 174 29.02 14.99 32.05
CA TYR A 174 30.29 14.60 32.66
C TYR A 174 31.41 14.29 31.68
N ARG A 175 31.14 14.29 30.37
CA ARG A 175 32.18 13.97 29.40
C ARG A 175 33.22 15.09 29.38
N VAL A 176 34.49 14.74 29.61
CA VAL A 176 35.58 15.70 29.64
C VAL A 176 36.82 15.04 29.05
N VAL A 177 37.81 15.87 28.74
CA VAL A 177 39.05 15.39 28.11
C VAL A 177 40.22 15.55 29.07
N ARG A 178 41.18 14.63 29.01
CA ARG A 178 42.38 14.74 29.79
C ARG A 178 43.55 14.66 28.85
N GLU A 179 44.77 15.04 29.26
CA GLU A 179 45.96 15.11 28.43
C GLU A 179 46.97 14.03 28.84
N GLU A 180 47.49 13.31 27.87
CA GLU A 180 48.55 12.37 28.19
C GLU A 180 49.76 13.08 27.67
N TYR A 181 50.77 13.27 28.50
CA TYR A 181 51.94 14.09 28.18
C TYR A 181 53.05 13.25 27.57
N PHE A 182 53.57 12.28 28.34
CA PHE A 182 54.78 11.59 27.92
C PHE A 182 54.50 10.81 26.64
N PRO A 183 53.48 9.94 26.60
CA PRO A 183 52.96 9.50 25.31
C PRO A 183 51.97 10.52 24.77
N PRO A 184 52.32 11.26 23.70
CA PRO A 184 51.41 12.32 23.25
C PRO A 184 50.08 11.77 22.79
N LYS A 185 49.03 12.07 23.56
CA LYS A 185 47.70 11.53 23.29
C LYS A 185 46.68 12.31 24.09
N VAL A 186 45.52 12.57 23.47
CA VAL A 186 44.39 13.21 24.12
C VAL A 186 43.34 12.15 24.41
N LEU A 187 42.93 12.05 25.67
CA LEU A 187 42.05 10.98 26.14
C LEU A 187 40.70 11.55 26.53
N CYS A 188 39.66 11.12 25.84
CA CYS A 188 38.29 11.47 26.22
C CYS A 188 37.75 10.46 27.22
N GLY A 189 36.90 10.93 28.13
CA GLY A 189 36.34 10.05 29.13
C GLY A 189 35.33 10.78 29.98
N VAL A 190 35.03 10.17 31.14
CA VAL A 190 34.03 10.69 32.07
C VAL A 190 34.70 10.90 33.42
N ASP A 191 34.45 12.05 34.03
CA ASP A 191 34.98 12.41 35.34
C ASP A 191 33.82 12.68 36.28
N TYR A 192 33.73 11.88 37.33
CA TYR A 192 32.68 12.02 38.34
C TYR A 192 33.18 12.71 39.61
N SER A 193 34.44 13.12 39.64
CA SER A 193 35.01 13.81 40.80
C SER A 193 34.93 12.94 42.05
N HIS A 194 35.34 11.68 41.91
CA HIS A 194 35.37 10.71 43.00
C HIS A 194 34.00 10.45 43.60
N ASP A 195 32.92 10.87 42.94
CA ASP A 195 31.57 10.70 43.45
C ASP A 195 31.07 9.34 42.99
N LYS A 196 31.29 8.31 43.82
CA LYS A 196 30.86 6.96 43.46
C LYS A 196 29.34 6.85 43.43
N ARG A 197 28.66 7.58 44.33
CA ARG A 197 27.20 7.48 44.40
C ARG A 197 26.56 7.89 43.09
N ARG A 198 27.01 9.01 42.50
CA ARG A 198 26.42 9.48 41.25
C ARG A 198 26.67 8.50 40.12
N GLU A 199 27.89 7.95 40.03
CA GLU A 199 28.18 6.98 38.99
C GLU A 199 27.32 5.74 39.13
N ARG A 200 27.18 5.23 40.36
CA ARG A 200 26.37 4.04 40.58
C ARG A 200 24.91 4.30 40.23
N ALA A 201 24.38 5.46 40.64
CA ALA A 201 22.99 5.78 40.34
C ALA A 201 22.77 5.90 38.83
N VAL A 202 23.70 6.57 38.15
CA VAL A 202 23.57 6.73 36.70
C VAL A 202 23.60 5.37 36.02
N ALA A 203 24.53 4.50 36.41
CA ALA A 203 24.61 3.17 35.81
C ALA A 203 23.34 2.38 36.06
N ILE A 204 22.81 2.44 37.29
CA ILE A 204 21.63 1.67 37.62
C ILE A 204 20.42 2.15 36.83
N VAL A 205 20.21 3.48 36.78
CA VAL A 205 19.06 4.01 36.07
C VAL A 205 19.19 3.74 34.57
N ARG A 206 20.41 3.86 34.03
CA ARG A 206 20.62 3.56 32.62
C ARG A 206 20.28 2.10 32.31
N LEU A 207 20.81 1.17 33.10
CA LEU A 207 20.47 -0.24 32.88
C LEU A 207 18.97 -0.46 32.96
N VAL A 208 18.33 0.07 34.00
CA VAL A 208 16.90 -0.16 34.21
C VAL A 208 16.09 0.35 33.02
N LEU A 209 16.35 1.59 32.60
CA LEU A 209 15.54 2.22 31.58
C LEU A 209 16.02 1.93 30.16
N GLY A 210 17.08 1.15 29.99
CA GLY A 210 17.56 0.84 28.65
C GLY A 210 17.56 -0.64 28.29
N PHE A 211 17.67 -1.52 29.28
CA PHE A 211 17.75 -2.95 28.99
C PHE A 211 16.70 -3.74 29.75
N LEU A 212 16.42 -3.37 30.99
CA LEU A 212 15.48 -4.15 31.81
C LEU A 212 14.04 -3.86 31.41
N TRP A 213 13.63 -2.59 31.48
CA TRP A 213 12.26 -2.24 31.16
C TRP A 213 11.91 -2.56 29.71
N PRO A 214 12.73 -2.18 28.72
CA PRO A 214 12.38 -2.53 27.34
C PRO A 214 12.35 -4.03 27.09
N LEU A 215 13.28 -4.78 27.67
CA LEU A 215 13.28 -6.23 27.50
C LEU A 215 12.03 -6.86 28.09
N LEU A 216 11.66 -6.44 29.31
CA LEU A 216 10.46 -6.97 29.93
C LEU A 216 9.22 -6.61 29.13
N THR A 217 9.15 -5.37 28.63
CA THR A 217 8.02 -4.95 27.82
C THR A 217 7.92 -5.83 26.57
N LEU A 218 9.02 -5.96 25.83
CA LEU A 218 9.02 -6.83 24.65
C LEU A 218 8.55 -8.23 24.99
N THR A 219 9.14 -8.83 26.02
CA THR A 219 8.80 -10.21 26.37
C THR A 219 7.32 -10.35 26.68
N ILE A 220 6.81 -9.54 27.61
CA ILE A 220 5.42 -9.69 28.03
C ILE A 220 4.48 -9.42 26.85
N CYS A 221 4.71 -8.32 26.14
CA CYS A 221 3.83 -7.96 25.03
C CYS A 221 3.79 -9.06 23.98
N TYR A 222 4.96 -9.55 23.56
CA TYR A 222 4.99 -10.56 22.51
C TYR A 222 4.43 -11.89 22.99
N THR A 223 4.64 -12.24 24.26
CA THR A 223 4.07 -13.48 24.78
C THR A 223 2.55 -13.42 24.77
N PHE A 224 1.99 -12.31 25.26
CA PHE A 224 0.53 -12.15 25.23
C PHE A 224 0.01 -12.14 23.80
N ILE A 225 0.75 -11.50 22.89
CA ILE A 225 0.35 -11.46 21.49
C ILE A 225 0.28 -12.88 20.92
N LEU A 226 1.33 -13.66 21.14
CA LEU A 226 1.35 -15.02 20.62
C LEU A 226 0.24 -15.86 21.23
N LEU A 227 0.00 -15.71 22.53
CA LEU A 227 -1.07 -16.48 23.17
C LEU A 227 -2.42 -16.13 22.56
N ARG A 228 -2.73 -14.84 22.47
CA ARG A 228 -4.04 -14.44 21.93
C ARG A 228 -4.16 -14.81 20.46
N THR A 229 -3.04 -14.85 19.74
CA THR A 229 -3.09 -15.18 18.32
C THR A 229 -3.28 -16.68 18.10
N TRP A 230 -2.67 -17.52 18.94
CA TRP A 230 -2.84 -18.95 18.82
C TRP A 230 -4.12 -19.44 19.50
N SER A 231 -4.77 -18.60 20.29
CA SER A 231 -6.02 -18.99 20.92
C SER A 231 -7.11 -19.30 19.91
N ARG A 232 -7.05 -18.74 18.71
CA ARG A 232 -8.07 -18.95 17.69
C ARG A 232 -7.40 -19.33 16.37
N ARG A 233 -8.09 -20.13 15.57
CA ARG A 233 -7.50 -20.65 14.34
C ARG A 233 -7.36 -19.56 13.28
N ALA A 234 -8.36 -18.69 13.15
CA ALA A 234 -8.35 -17.71 12.07
C ALA A 234 -7.10 -16.85 12.10
N THR A 235 -6.74 -16.35 13.27
CA THR A 235 -5.59 -15.46 13.40
C THR A 235 -4.29 -16.21 13.67
N ARG A 236 -4.36 -17.50 14.02
CA ARG A 236 -3.15 -18.26 14.31
C ARG A 236 -2.24 -18.32 13.08
N SER A 237 -0.94 -18.25 13.33
CA SER A 237 0.05 -18.31 12.25
C SER A 237 1.41 -18.64 12.85
N THR A 238 2.29 -19.19 12.01
CA THR A 238 3.63 -19.54 12.46
C THR A 238 4.62 -18.40 12.22
N LYS A 239 4.33 -17.52 11.27
CA LYS A 239 5.24 -16.41 10.98
C LYS A 239 5.38 -15.48 12.18
N THR A 240 4.28 -15.22 12.89
CA THR A 240 4.34 -14.33 14.05
C THR A 240 5.29 -14.90 15.11
N LEU A 241 5.21 -16.20 15.37
CA LEU A 241 6.10 -16.81 16.35
C LEU A 241 7.56 -16.67 15.92
N LYS A 242 7.84 -16.93 14.64
CA LYS A 242 9.21 -16.82 14.15
C LYS A 242 9.73 -15.40 14.32
N VAL A 243 8.93 -14.41 13.93
CA VAL A 243 9.37 -13.01 14.02
C VAL A 243 9.58 -12.62 15.47
N VAL A 244 8.67 -13.01 16.36
CA VAL A 244 8.80 -12.67 17.78
C VAL A 244 10.08 -13.28 18.34
N VAL A 245 10.29 -14.57 18.09
CA VAL A 245 11.47 -15.25 18.62
C VAL A 245 12.74 -14.58 18.09
N ALA A 246 12.78 -14.32 16.78
CA ALA A 246 13.95 -13.68 16.19
C ALA A 246 14.24 -12.36 16.86
N VAL A 247 13.24 -11.48 16.93
CA VAL A 247 13.44 -10.15 17.50
C VAL A 247 13.93 -10.25 18.93
N VAL A 248 13.22 -11.03 19.76
CA VAL A 248 13.55 -11.08 21.19
C VAL A 248 14.94 -11.67 21.40
N ALA A 249 15.23 -12.80 20.74
CA ALA A 249 16.51 -13.45 20.91
C ALA A 249 17.65 -12.55 20.44
N SER A 250 17.49 -11.91 19.29
CA SER A 250 18.54 -11.01 18.80
C SER A 250 18.77 -9.88 19.78
N PHE A 251 17.71 -9.19 20.20
CA PHE A 251 17.86 -8.10 21.15
C PHE A 251 18.59 -8.56 22.40
N PHE A 252 18.11 -9.64 23.02
CA PHE A 252 18.71 -10.10 24.27
C PHE A 252 20.17 -10.47 24.08
N ILE A 253 20.46 -11.31 23.08
CA ILE A 253 21.83 -11.81 22.89
C ILE A 253 22.79 -10.65 22.60
N PHE A 254 22.35 -9.69 21.78
CA PHE A 254 23.26 -8.64 21.34
C PHE A 254 23.38 -7.51 22.35
N TRP A 255 22.42 -7.37 23.27
CA TRP A 255 22.48 -6.29 24.25
C TRP A 255 22.91 -6.75 25.63
N LEU A 256 22.92 -8.06 25.90
CA LEU A 256 23.29 -8.54 27.23
C LEU A 256 24.75 -8.28 27.55
N PRO A 257 25.72 -8.64 26.70
CA PRO A 257 27.13 -8.44 27.08
C PRO A 257 27.47 -6.98 27.37
N TYR A 258 27.05 -6.07 26.49
CA TYR A 258 27.36 -4.66 26.66
C TYR A 258 26.83 -4.14 28.01
N GLN A 259 25.57 -4.40 28.30
CA GLN A 259 24.97 -3.87 29.52
C GLN A 259 25.63 -4.46 30.76
N VAL A 260 25.85 -5.78 30.78
CA VAL A 260 26.48 -6.41 31.93
C VAL A 260 27.88 -5.84 32.15
N THR A 261 28.66 -5.78 31.08
CA THR A 261 30.03 -5.26 31.20
C THR A 261 30.02 -3.83 31.70
N GLY A 262 29.11 -3.00 31.19
CA GLY A 262 29.07 -1.61 31.63
C GLY A 262 28.68 -1.49 33.10
N ILE A 263 27.63 -2.20 33.50
CA ILE A 263 27.14 -2.08 34.87
C ILE A 263 28.17 -2.61 35.85
N MET A 264 28.93 -3.62 35.46
CA MET A 264 29.98 -4.13 36.36
C MET A 264 31.22 -3.26 36.32
N MET A 265 31.46 -2.55 35.20
CA MET A 265 32.54 -1.58 35.17
C MET A 265 32.26 -0.42 36.11
N SER A 266 31.04 0.10 36.08
CA SER A 266 30.68 1.26 36.91
C SER A 266 30.55 0.91 38.39
N PHE A 267 30.79 -0.34 38.78
CA PHE A 267 30.60 -0.76 40.16
C PHE A 267 31.89 -1.16 40.87
N LEU A 268 32.90 -1.63 40.13
CA LEU A 268 34.14 -2.11 40.73
C LEU A 268 35.27 -1.14 40.43
N GLU A 269 36.26 -1.13 41.31
CA GLU A 269 37.38 -0.21 41.18
C GLU A 269 38.31 -0.67 40.06
N PRO A 270 39.11 0.24 39.49
CA PRO A 270 39.98 -0.15 38.37
C PRO A 270 41.14 -1.06 38.77
N SER A 271 41.54 -1.07 40.05
CA SER A 271 42.72 -1.82 40.44
C SER A 271 42.54 -3.32 40.23
N SER A 272 41.31 -3.81 40.25
CA SER A 272 41.08 -5.23 40.11
C SER A 272 41.43 -5.69 38.70
N PRO A 273 41.95 -6.91 38.52
CA PRO A 273 42.23 -7.38 37.16
C PRO A 273 40.96 -7.61 36.34
N THR A 274 39.83 -7.84 37.01
CA THR A 274 38.56 -7.94 36.31
C THR A 274 38.31 -6.69 35.48
N PHE A 275 38.70 -5.52 36.00
CA PHE A 275 38.55 -4.29 35.24
C PHE A 275 39.41 -4.30 33.99
N LEU A 276 40.62 -4.85 34.09
CA LEU A 276 41.48 -4.93 32.91
C LEU A 276 40.88 -5.87 31.86
N LEU A 277 40.35 -7.01 32.30
CA LEU A 277 39.71 -7.93 31.36
C LEU A 277 38.50 -7.27 30.72
N LEU A 278 37.71 -6.53 31.49
CA LEU A 278 36.54 -5.87 30.95
C LEU A 278 36.92 -4.78 29.96
N LYS A 279 38.01 -4.07 30.23
CA LYS A 279 38.50 -3.07 29.29
C LYS A 279 38.96 -3.73 28.00
N LYS A 280 39.63 -4.87 28.11
CA LYS A 280 40.02 -5.62 26.92
C LYS A 280 38.81 -6.04 26.12
N LEU A 281 37.73 -6.46 26.80
CA LEU A 281 36.54 -6.95 26.12
C LEU A 281 35.62 -5.82 25.66
N ASP A 282 35.89 -4.58 26.10
CA ASP A 282 34.94 -3.49 25.87
C ASP A 282 34.64 -3.31 24.38
N SER A 283 35.67 -3.16 23.55
CA SER A 283 35.45 -2.92 22.13
C SER A 283 34.57 -4.00 21.51
N LEU A 284 34.85 -5.26 21.84
CA LEU A 284 34.04 -6.35 21.31
C LEU A 284 32.58 -6.23 21.76
N CYS A 285 32.37 -5.78 23.00
CA CYS A 285 31.02 -5.61 23.50
C CYS A 285 30.25 -4.57 22.69
N VAL A 286 30.89 -3.43 22.42
CA VAL A 286 30.22 -2.38 21.65
C VAL A 286 29.97 -2.85 20.22
N SER A 287 30.95 -3.55 19.63
CA SER A 287 30.76 -4.07 18.28
C SER A 287 29.61 -5.06 18.22
N PHE A 288 29.44 -5.88 19.26
CA PHE A 288 28.34 -6.83 19.29
C PHE A 288 27.01 -6.12 19.49
N ALA A 289 26.97 -5.13 20.38
CA ALA A 289 25.74 -4.38 20.60
C ALA A 289 25.30 -3.64 19.34
N TYR A 290 26.27 -3.19 18.54
CA TYR A 290 25.93 -2.48 17.31
C TYR A 290 25.30 -3.39 16.26
N ILE A 291 25.27 -4.71 16.50
CA ILE A 291 24.72 -5.63 15.51
C ILE A 291 23.20 -5.50 15.43
N ASN A 292 22.57 -4.92 16.46
CA ASN A 292 21.12 -4.75 16.42
C ASN A 292 20.71 -3.76 15.34
N CYS A 293 21.51 -2.71 15.14
CA CYS A 293 21.24 -1.74 14.08
C CYS A 293 21.24 -2.39 12.70
N CYS A 294 22.03 -3.45 12.51
CA CYS A 294 22.07 -4.19 11.26
C CYS A 294 20.96 -5.23 11.19
N ILE A 295 20.61 -5.82 12.33
CA ILE A 295 19.57 -6.86 12.36
C ILE A 295 18.20 -6.25 12.06
N ASN A 296 17.92 -5.08 12.64
CA ASN A 296 16.59 -4.48 12.51
C ASN A 296 16.15 -4.31 11.06
N PRO A 297 16.93 -3.69 10.18
CA PRO A 297 16.47 -3.58 8.78
C PRO A 297 16.23 -4.92 8.11
N ILE A 298 17.10 -5.91 8.38
CA ILE A 298 16.92 -7.23 7.78
C ILE A 298 15.60 -7.84 8.26
N ILE A 299 15.34 -7.75 9.56
CA ILE A 299 14.09 -8.30 10.10
C ILE A 299 12.89 -7.60 9.48
N TYR A 300 12.97 -6.28 9.32
CA TYR A 300 11.87 -5.54 8.73
C TYR A 300 11.63 -5.96 7.29
N VAL A 301 12.71 -6.11 6.50
CA VAL A 301 12.55 -6.45 5.09
C VAL A 301 12.02 -7.87 4.92
N VAL A 302 12.62 -8.83 5.63
CA VAL A 302 12.19 -10.22 5.47
C VAL A 302 10.78 -10.44 5.97
N ALA A 303 10.33 -9.61 6.92
CA ALA A 303 9.00 -9.80 7.50
C ALA A 303 7.91 -9.15 6.66
N GLY A 304 8.22 -8.07 5.94
CA GLY A 304 7.23 -7.40 5.15
C GLY A 304 6.66 -8.28 4.05
N GLN A 305 5.45 -7.94 3.61
CA GLN A 305 4.82 -8.69 2.53
C GLN A 305 5.68 -8.70 1.28
N GLY A 306 6.30 -7.56 0.95
CA GLY A 306 7.17 -7.48 -0.20
C GLY A 306 7.98 -6.20 -0.23
N PHE A 307 9.29 -6.32 -0.42
CA PHE A 307 10.15 -5.13 -0.41
C PHE A 307 10.42 -4.65 -1.83
N GLN A 308 10.75 -5.56 -2.75
CA GLN A 308 10.98 -5.17 -4.14
C GLN A 308 9.76 -4.46 -4.71
N GLY A 309 8.56 -4.93 -4.38
CA GLY A 309 7.37 -4.25 -4.83
C GLY A 309 7.23 -2.87 -4.21
N ARG A 310 7.51 -2.75 -2.91
CA ARG A 310 7.48 -1.45 -2.25
C ARG A 310 8.51 -0.51 -2.85
N LEU A 311 9.71 -1.03 -3.14
CA LEU A 311 10.75 -0.19 -3.73
C LEU A 311 10.35 0.30 -5.11
N ARG A 312 9.82 -0.60 -5.95
CA ARG A 312 9.38 -0.19 -7.28
C ARG A 312 8.24 0.81 -7.18
N LYS A 313 7.35 0.64 -6.20
CA LYS A 313 6.29 1.62 -6.00
C LYS A 313 6.87 2.98 -5.61
N SER A 314 8.00 2.98 -4.92
CA SER A 314 8.65 4.22 -4.51
C SER A 314 9.49 4.79 -5.65
N THR B 1 50.84 18.97 37.69
CA THR B 1 51.69 18.37 38.76
C THR B 1 52.40 17.12 38.26
N LEU B 2 51.68 16.33 37.46
CA LEU B 2 52.24 15.08 36.95
C LEU B 2 53.43 15.35 36.04
N GLN B 3 53.21 16.12 34.97
CA GLN B 3 54.28 16.39 34.02
C GLN B 3 55.46 17.09 34.69
N LYS B 4 55.17 18.11 35.51
CA LYS B 4 56.26 18.82 36.17
C LYS B 4 56.99 17.94 37.17
N LYS B 5 56.24 17.16 37.96
CA LYS B 5 56.87 16.29 38.94
C LYS B 5 57.75 15.24 38.27
N ILE B 6 57.36 14.78 37.08
CA ILE B 6 58.16 13.77 36.39
C ILE B 6 59.36 14.41 35.71
N GLU B 7 59.19 15.60 35.15
CA GLU B 7 60.31 16.30 34.52
C GLU B 7 61.35 16.68 35.56
N GLU B 8 60.92 16.95 36.79
CA GLU B 8 61.87 17.25 37.86
C GLU B 8 62.85 16.10 38.06
N ILE B 9 62.33 14.88 38.16
CA ILE B 9 63.20 13.72 38.33
C ILE B 9 63.96 13.41 37.05
N ALA B 10 63.37 13.70 35.90
CA ALA B 10 64.04 13.43 34.63
C ALA B 10 65.26 14.33 34.47
N ALA B 11 65.18 15.57 34.92
CA ALA B 11 66.29 16.51 34.77
C ALA B 11 67.45 16.15 35.68
N LYS B 12 67.19 15.41 36.76
CA LYS B 12 68.26 15.03 37.68
C LYS B 12 69.34 14.24 36.95
N TYR B 13 68.94 13.17 36.27
CA TYR B 13 69.88 12.38 35.48
C TYR B 13 70.23 13.13 34.19
N LYS B 14 71.48 12.95 33.75
CA LYS B 14 72.01 13.68 32.61
C LYS B 14 72.13 12.85 31.35
N HIS B 15 72.54 11.59 31.46
CA HIS B 15 72.66 10.73 30.29
C HIS B 15 71.31 10.59 29.60
N SER B 16 71.29 10.89 28.30
CA SER B 16 70.04 10.88 27.55
C SER B 16 69.30 9.55 27.64
N VAL B 17 70.02 8.43 27.70
CA VAL B 17 69.36 7.13 27.80
C VAL B 17 68.66 6.98 29.15
N VAL B 18 69.19 7.59 30.21
CA VAL B 18 68.50 7.53 31.50
C VAL B 18 67.18 8.29 31.43
N LYS B 19 67.17 9.45 30.79
CA LYS B 19 65.91 10.19 30.61
C LYS B 19 64.96 9.39 29.72
N LYS B 20 65.50 8.68 28.73
CA LYS B 20 64.68 7.84 27.87
C LYS B 20 63.97 6.76 28.68
N CYS B 21 64.73 5.99 29.47
CA CYS B 21 64.12 4.97 30.31
C CYS B 21 63.17 5.60 31.33
N CYS B 22 63.42 6.85 31.72
CA CYS B 22 62.46 7.47 32.62
C CYS B 22 61.22 7.89 31.89
N TYR B 23 61.36 8.23 30.64
CA TYR B 23 60.21 8.60 29.87
C TYR B 23 59.38 7.39 29.76
N ASP B 24 60.02 6.28 29.49
CA ASP B 24 59.28 5.10 29.26
C ASP B 24 58.62 4.57 30.51
N GLY B 25 59.32 4.52 31.60
CA GLY B 25 58.63 4.09 32.81
C GLY B 25 57.50 4.98 33.24
N ALA B 26 57.49 6.23 32.79
CA ALA B 26 56.36 7.13 33.01
C ALA B 26 55.17 6.80 32.13
N CYS B 27 55.37 6.05 31.06
CA CYS B 27 54.27 5.66 30.19
C CYS B 27 53.27 4.80 30.94
N VAL B 28 51.98 5.00 30.64
CA VAL B 28 50.93 4.27 31.32
C VAL B 28 50.90 2.83 30.80
N ASN B 29 50.80 1.87 31.73
CA ASN B 29 50.69 0.46 31.38
C ASN B 29 50.06 -0.27 32.56
N ASN B 30 48.84 -0.74 32.38
CA ASN B 30 48.11 -1.41 33.46
C ASN B 30 48.17 -2.92 33.38
N ASP B 31 48.55 -3.49 32.23
CA ASP B 31 48.58 -4.94 32.10
C ASP B 31 49.66 -5.56 32.97
N GLU B 32 50.78 -4.85 33.16
CA GLU B 32 51.91 -5.36 33.94
C GLU B 32 52.25 -4.36 35.04
N THR B 33 52.68 -4.79 36.23
CA THR B 33 53.13 -3.82 37.27
C THR B 33 54.55 -3.31 36.98
N CYS B 34 55.16 -2.57 37.90
CA CYS B 34 56.48 -1.97 37.61
C CYS B 34 57.57 -2.99 37.64
N GLU B 35 57.69 -3.73 38.72
CA GLU B 35 58.73 -4.74 38.86
C GLU B 35 58.73 -5.68 37.70
N GLN B 36 57.58 -6.22 37.36
CA GLN B 36 57.46 -7.06 36.17
C GLN B 36 58.00 -6.43 34.91
N ARG B 37 57.81 -5.13 34.78
CA ARG B 37 58.24 -4.45 33.61
C ARG B 37 59.68 -4.11 33.75
N ALA B 38 60.04 -3.39 34.81
CA ALA B 38 61.44 -2.99 35.00
C ALA B 38 62.38 -4.19 34.95
N ALA B 39 61.84 -5.40 35.10
CA ALA B 39 62.69 -6.58 35.16
C ALA B 39 63.45 -6.80 33.85
N ARG B 40 62.76 -6.69 32.72
CA ARG B 40 63.33 -7.03 31.42
C ARG B 40 64.11 -5.86 30.80
N ILE B 41 64.54 -4.89 31.59
CA ILE B 41 65.38 -3.82 31.07
C ILE B 41 66.75 -4.39 30.71
N SER B 42 67.26 -3.97 29.55
CA SER B 42 68.50 -4.52 29.03
C SER B 42 69.74 -3.73 29.41
N LEU B 43 69.59 -2.51 29.92
CA LEU B 43 70.71 -1.64 30.21
C LEU B 43 71.15 -1.83 31.67
N GLY B 44 72.07 -0.97 32.13
CA GLY B 44 72.67 -1.13 33.43
C GLY B 44 71.72 -0.78 34.56
N PRO B 45 72.26 -0.78 35.78
CA PRO B 45 71.41 -0.52 36.95
C PRO B 45 70.91 0.91 37.04
N ARG B 46 71.63 1.86 36.44
CA ARG B 46 71.17 3.25 36.43
C ARG B 46 69.78 3.36 35.81
N CYS B 47 69.63 2.80 34.60
CA CYS B 47 68.33 2.83 33.93
C CYS B 47 67.28 2.10 34.75
N ILE B 48 67.65 1.00 35.40
CA ILE B 48 66.69 0.25 36.20
C ILE B 48 66.17 1.11 37.35
N LYS B 49 67.09 1.77 38.07
CA LYS B 49 66.69 2.62 39.18
C LYS B 49 65.83 3.79 38.71
N ALA B 50 66.21 4.42 37.60
CA ALA B 50 65.44 5.52 37.07
C ALA B 50 64.03 5.07 36.69
N PHE B 51 63.94 3.96 35.97
CA PHE B 51 62.63 3.40 35.61
C PHE B 51 61.79 3.11 36.84
N THR B 52 62.40 2.49 37.85
CA THR B 52 61.65 2.14 39.05
C THR B 52 61.10 3.37 39.76
N GLU B 53 61.97 4.36 40.01
CA GLU B 53 61.50 5.55 40.71
C GLU B 53 60.46 6.31 39.90
N CYS B 54 60.64 6.41 38.57
CA CYS B 54 59.72 7.17 37.74
C CYS B 54 58.36 6.43 37.70
N CYS B 55 58.35 5.10 37.70
CA CYS B 55 57.12 4.33 37.68
C CYS B 55 56.47 4.38 39.02
N VAL B 56 57.20 4.49 40.09
CA VAL B 56 56.63 4.63 41.43
C VAL B 56 55.95 5.98 41.57
N VAL B 57 56.64 7.05 41.20
CA VAL B 57 56.05 8.39 41.35
C VAL B 57 54.84 8.53 40.44
N ALA B 58 54.87 7.89 39.27
CA ALA B 58 53.72 7.96 38.36
C ALA B 58 52.52 7.23 38.95
N SER B 59 52.73 6.03 39.48
CA SER B 59 51.63 5.29 40.10
C SER B 59 51.06 6.07 41.29
N GLN B 60 51.94 6.72 42.05
CA GLN B 60 51.48 7.53 43.18
C GLN B 60 50.73 8.78 42.73
N LEU B 61 50.78 9.12 41.45
CA LEU B 61 50.06 10.28 40.92
C LEU B 61 48.79 9.89 40.19
N ARG B 62 48.85 8.87 39.33
CA ARG B 62 47.68 8.44 38.60
C ARG B 62 46.62 7.82 39.50
N ALA B 63 47.00 7.37 40.70
CA ALA B 63 46.04 6.75 41.61
C ALA B 63 45.10 7.77 42.23
N ASN B 64 45.39 9.07 42.12
CA ASN B 64 44.57 10.10 42.73
C ASN B 64 43.45 10.59 41.82
N ILE B 65 43.64 10.55 40.50
CA ILE B 65 42.62 11.04 39.58
C ILE B 65 41.44 10.07 39.55
N SER B 66 40.31 10.58 39.08
CA SER B 66 39.08 9.79 38.98
C SER B 66 38.53 9.74 37.56
N HIS B 67 39.26 10.28 36.58
CA HIS B 67 38.81 10.28 35.19
C HIS B 67 38.93 8.86 34.64
N LYS B 68 37.79 8.26 34.32
CA LYS B 68 37.74 6.88 33.83
C LYS B 68 37.66 6.89 32.31
N ASP B 69 38.59 6.17 31.66
CA ASP B 69 38.57 6.07 30.21
C ASP B 69 37.36 5.28 29.75
N MET B 70 36.54 5.89 28.90
CA MET B 70 35.32 5.27 28.39
C MET B 70 35.37 5.29 26.87
N GLN B 71 35.27 4.11 26.26
CA GLN B 71 35.31 4.01 24.80
C GLN B 71 34.15 4.79 24.19
N LEU B 72 34.38 5.29 22.97
CA LEU B 72 33.34 5.99 22.25
C LEU B 72 32.20 5.03 21.91
N GLY B 73 31.01 5.32 22.42
CA GLY B 73 29.85 4.46 22.21
C GLY B 73 29.28 3.86 23.47
N ARG B 74 29.81 4.20 24.64
CA ARG B 74 29.32 3.68 25.90
C ARG B 74 29.07 4.80 26.90
N LEU C 4 -0.06 36.27 -11.06
CA LEU C 4 0.84 35.11 -10.77
C LEU C 4 0.57 34.55 -9.38
N SER C 5 1.06 35.26 -8.35
CA SER C 5 0.95 34.76 -6.98
C SER C 5 -0.47 34.92 -6.44
N ALA C 6 -1.06 36.10 -6.63
CA ALA C 6 -2.35 36.40 -6.01
C ALA C 6 -3.42 35.35 -6.34
N GLU C 7 -3.32 34.71 -7.51
CA GLU C 7 -4.31 33.71 -7.91
C GLU C 7 -3.80 32.29 -7.70
N ASP C 8 -2.55 32.03 -8.10
CA ASP C 8 -2.01 30.67 -7.99
C ASP C 8 -1.90 30.24 -6.54
N LYS C 9 -1.46 31.13 -5.65
CA LYS C 9 -1.32 30.75 -4.25
C LYS C 9 -2.66 30.56 -3.57
N ALA C 10 -3.66 31.35 -3.96
CA ALA C 10 -5.01 31.12 -3.45
C ALA C 10 -5.56 29.78 -3.92
N ALA C 11 -5.32 29.43 -5.19
CA ALA C 11 -5.72 28.12 -5.68
C ALA C 11 -5.01 27.02 -4.95
N VAL C 12 -3.72 27.23 -4.61
CA VAL C 12 -2.97 26.22 -3.88
C VAL C 12 -3.52 26.06 -2.46
N GLU C 13 -3.90 27.17 -1.83
CA GLU C 13 -4.52 27.07 -0.51
C GLU C 13 -5.84 26.31 -0.58
N ARG C 14 -6.65 26.60 -1.60
CA ARG C 14 -7.89 25.86 -1.79
C ARG C 14 -7.61 24.36 -1.97
N SER C 15 -6.59 24.03 -2.75
CA SER C 15 -6.24 22.63 -2.98
C SER C 15 -5.77 21.97 -1.69
N LYS C 16 -5.03 22.71 -0.86
CA LYS C 16 -4.58 22.16 0.42
C LYS C 16 -5.76 21.91 1.34
N MET C 17 -6.72 22.83 1.39
CA MET C 17 -7.92 22.60 2.19
C MET C 17 -8.69 21.39 1.68
N ILE C 18 -8.79 21.24 0.35
CA ILE C 18 -9.47 20.09 -0.22
C ILE C 18 -8.74 18.80 0.15
N ASP C 19 -7.41 18.84 0.15
CA ASP C 19 -6.63 17.66 0.52
C ASP C 19 -6.87 17.29 1.97
N ARG C 20 -6.89 18.30 2.86
CA ARG C 20 -7.18 18.03 4.27
C ARG C 20 -8.55 17.40 4.43
N ASN C 21 -9.56 17.98 3.77
CA ASN C 21 -10.91 17.42 3.85
C ASN C 21 -10.96 16.00 3.32
N LEU C 22 -10.25 15.74 2.22
CA LEU C 22 -10.24 14.41 1.63
C LEU C 22 -9.59 13.40 2.56
N ARG C 23 -8.47 13.77 3.20
CA ARG C 23 -7.83 12.87 4.15
C ARG C 23 -8.74 12.60 5.34
N GLU C 24 -9.40 13.64 5.85
CA GLU C 24 -10.32 13.45 6.98
C GLU C 24 -11.45 12.50 6.59
N ASP C 25 -12.03 12.70 5.41
CA ASP C 25 -13.14 11.84 4.98
C ASP C 25 -12.67 10.41 4.75
N GLY C 26 -11.47 10.24 4.18
CA GLY C 26 -10.96 8.89 3.99
C GLY C 26 -10.72 8.17 5.30
N GLU C 27 -10.16 8.87 6.28
CA GLU C 27 -10.00 8.27 7.61
C GLU C 27 -11.35 7.90 8.21
N LYS C 28 -12.31 8.83 8.15
CA LYS C 28 -13.62 8.56 8.70
C LYS C 28 -14.25 7.33 8.05
N ALA C 29 -14.09 7.19 6.74
CA ALA C 29 -14.62 6.02 6.04
C ALA C 29 -13.89 4.76 6.46
N ALA C 30 -12.57 4.83 6.63
CA ALA C 30 -11.80 3.68 7.08
C ALA C 30 -12.20 3.25 8.49
N ARG C 31 -12.71 4.17 9.31
CA ARG C 31 -13.15 3.80 10.65
C ARG C 31 -14.22 2.71 10.61
N GLU C 32 -15.10 2.77 9.61
CA GLU C 32 -16.24 1.87 9.55
C GLU C 32 -15.84 0.52 8.95
N VAL C 33 -16.57 -0.53 9.37
CA VAL C 33 -16.35 -1.87 8.85
C VAL C 33 -17.38 -2.12 7.75
N LYS C 34 -16.91 -2.59 6.59
CA LYS C 34 -17.80 -2.85 5.46
C LYS C 34 -18.17 -4.33 5.44
N LEU C 35 -19.46 -4.61 5.26
CA LEU C 35 -19.98 -5.97 5.21
C LEU C 35 -20.84 -6.15 3.97
N LEU C 36 -20.80 -7.35 3.40
CA LEU C 36 -21.57 -7.69 2.21
C LEU C 36 -22.58 -8.77 2.58
N LEU C 37 -23.85 -8.51 2.28
CA LEU C 37 -24.94 -9.43 2.57
C LEU C 37 -25.42 -10.07 1.27
N LEU C 38 -25.47 -11.40 1.25
CA LEU C 38 -25.91 -12.15 0.08
C LEU C 38 -26.93 -13.20 0.48
N GLY C 39 -27.74 -13.61 -0.49
CA GLY C 39 -28.73 -14.63 -0.23
C GLY C 39 -29.41 -15.04 -1.52
N ALA C 40 -30.20 -16.12 -1.43
CA ALA C 40 -30.91 -16.67 -2.57
C ALA C 40 -32.32 -16.10 -2.62
N GLY C 41 -32.41 -14.79 -2.81
CA GLY C 41 -33.69 -14.13 -2.95
C GLY C 41 -34.42 -13.91 -1.64
N GLU C 42 -34.98 -14.98 -1.07
CA GLU C 42 -35.74 -14.92 0.17
C GLU C 42 -35.21 -15.96 1.16
N SER C 43 -33.89 -15.99 1.36
CA SER C 43 -33.28 -16.90 2.30
C SER C 43 -33.36 -16.39 3.74
N GLY C 44 -34.00 -15.26 3.98
CA GLY C 44 -34.09 -14.67 5.30
C GLY C 44 -33.27 -13.42 5.51
N LYS C 45 -32.87 -12.74 4.44
CA LYS C 45 -32.05 -11.54 4.59
C LYS C 45 -32.80 -10.48 5.39
N SER C 46 -34.11 -10.34 5.18
CA SER C 46 -34.88 -9.33 5.90
C SER C 46 -34.82 -9.56 7.41
N THR C 47 -34.92 -10.83 7.84
CA THR C 47 -34.85 -11.13 9.25
C THR C 47 -33.51 -10.71 9.84
N ILE C 48 -32.41 -11.11 9.21
CA ILE C 48 -31.08 -10.73 9.69
C ILE C 48 -30.97 -9.20 9.75
N VAL C 49 -31.48 -8.53 8.72
CA VAL C 49 -31.37 -7.07 8.67
C VAL C 49 -32.10 -6.44 9.85
N LYS C 50 -33.35 -6.82 10.06
CA LYS C 50 -34.11 -6.20 11.15
C LYS C 50 -33.60 -6.64 12.52
N GLN C 51 -32.83 -7.74 12.56
CA GLN C 51 -32.30 -8.20 13.83
C GLN C 51 -31.14 -7.33 14.31
N MET C 52 -30.10 -7.20 13.48
CA MET C 52 -28.91 -6.42 13.85
C MET C 52 -29.17 -4.94 13.56
N LYS C 53 -30.07 -4.36 14.34
CA LYS C 53 -30.39 -2.95 14.22
C LYS C 53 -30.63 -2.37 15.61
N ILE C 54 -30.09 -1.19 15.84
CA ILE C 54 -30.21 -0.51 17.13
C ILE C 54 -31.29 0.57 17.04
N THR C 181 -33.98 -1.55 -7.32
CA THR C 181 -33.94 -0.21 -6.76
C THR C 181 -32.52 0.20 -6.38
N GLY C 182 -31.54 -0.61 -6.80
CA GLY C 182 -30.15 -0.32 -6.51
C GLY C 182 -29.69 -0.94 -5.21
N ILE C 183 -28.44 -0.62 -4.86
CA ILE C 183 -27.85 -1.14 -3.64
C ILE C 183 -28.48 -0.49 -2.43
N VAL C 184 -28.54 -1.23 -1.33
CA VAL C 184 -29.11 -0.75 -0.07
C VAL C 184 -28.03 -0.88 1.00
N GLU C 185 -27.73 0.23 1.66
CA GLU C 185 -26.72 0.28 2.71
C GLU C 185 -27.40 0.52 4.05
N THR C 186 -26.98 -0.24 5.07
CA THR C 186 -27.54 -0.15 6.40
C THR C 186 -26.41 0.04 7.40
N HIS C 187 -26.54 1.04 8.26
CA HIS C 187 -25.55 1.35 9.28
C HIS C 187 -26.05 0.92 10.65
N PHE C 188 -25.19 0.24 11.40
CA PHE C 188 -25.51 -0.18 12.76
C PHE C 188 -24.23 -0.29 13.56
N THR C 189 -24.32 0.06 14.85
CA THR C 189 -23.17 0.07 15.75
C THR C 189 -23.39 -0.96 16.85
N PHE C 190 -22.42 -1.84 17.04
CA PHE C 190 -22.47 -2.85 18.09
C PHE C 190 -21.13 -2.89 18.80
N LYS C 191 -21.17 -2.77 20.13
CA LYS C 191 -19.95 -2.79 20.95
C LYS C 191 -18.98 -1.71 20.50
N ASP C 192 -19.51 -0.54 20.19
CA ASP C 192 -18.72 0.64 19.80
C ASP C 192 -17.99 0.43 18.48
N LEU C 193 -18.42 -0.55 17.68
CA LEU C 193 -17.84 -0.80 16.37
C LEU C 193 -18.86 -0.45 15.29
N HIS C 194 -18.49 0.47 14.40
CA HIS C 194 -19.38 0.96 13.36
C HIS C 194 -19.38 -0.02 12.19
N PHE C 195 -20.53 -0.59 11.91
CA PHE C 195 -20.71 -1.51 10.78
C PHE C 195 -21.38 -0.80 9.62
N LYS C 196 -21.05 -1.24 8.41
CA LYS C 196 -21.66 -0.74 7.18
C LYS C 196 -21.98 -1.93 6.30
N MET C 197 -23.21 -2.42 6.39
CA MET C 197 -23.66 -3.59 5.65
C MET C 197 -24.29 -3.15 4.33
N PHE C 198 -23.99 -3.88 3.27
CA PHE C 198 -24.49 -3.57 1.93
C PHE C 198 -25.30 -4.76 1.42
N ASP C 199 -26.51 -4.48 0.94
CA ASP C 199 -27.38 -5.50 0.35
C ASP C 199 -27.46 -5.26 -1.15
N VAL C 200 -27.09 -6.27 -1.92
CA VAL C 200 -27.04 -6.17 -3.38
C VAL C 200 -28.03 -7.11 -4.06
N GLY C 201 -28.96 -7.71 -3.31
CA GLY C 201 -29.92 -8.60 -3.92
C GLY C 201 -30.88 -7.93 -4.87
N ALA C 202 -31.10 -6.63 -4.72
CA ALA C 202 -32.02 -5.91 -5.58
C ALA C 202 -31.44 -5.59 -6.95
N GLN C 203 -30.14 -5.84 -7.16
CA GLN C 203 -29.54 -5.54 -8.45
C GLN C 203 -30.13 -6.41 -9.55
N ARG C 204 -30.18 -7.73 -9.34
CA ARG C 204 -30.74 -8.66 -10.31
C ARG C 204 -30.02 -8.57 -11.65
N SER C 205 -28.71 -8.31 -11.61
CA SER C 205 -27.89 -8.21 -12.81
C SER C 205 -26.70 -9.14 -12.68
N GLU C 206 -25.97 -9.29 -13.79
CA GLU C 206 -24.78 -10.14 -13.82
C GLU C 206 -23.79 -9.71 -12.73
N ARG C 207 -23.56 -10.60 -11.76
CA ARG C 207 -22.67 -10.25 -10.64
C ARG C 207 -21.23 -10.09 -11.12
N LYS C 208 -20.87 -10.75 -12.22
CA LYS C 208 -19.48 -10.74 -12.66
C LYS C 208 -18.96 -9.33 -12.91
N LYS C 209 -19.84 -8.41 -13.32
CA LYS C 209 -19.41 -7.08 -13.72
C LYS C 209 -19.43 -6.06 -12.58
N TRP C 210 -19.94 -6.42 -11.40
CA TRP C 210 -19.91 -5.53 -10.25
C TRP C 210 -19.52 -6.22 -8.96
N ILE C 211 -19.04 -7.47 -9.02
CA ILE C 211 -18.60 -8.14 -7.80
C ILE C 211 -17.22 -7.63 -7.37
N HIS C 212 -16.40 -7.18 -8.32
CA HIS C 212 -15.07 -6.70 -8.00
C HIS C 212 -15.08 -5.41 -7.18
N CYS C 213 -16.23 -4.74 -7.06
CA CYS C 213 -16.28 -3.51 -6.28
C CYS C 213 -16.14 -3.78 -4.80
N PHE C 214 -16.56 -4.96 -4.35
CA PHE C 214 -16.52 -5.33 -2.94
C PHE C 214 -15.24 -6.09 -2.58
N GLU C 215 -14.14 -5.87 -3.31
CA GLU C 215 -12.91 -6.59 -3.04
C GLU C 215 -12.40 -6.33 -1.63
N GLY C 216 -12.66 -5.15 -1.08
CA GLY C 216 -12.13 -4.74 0.20
C GLY C 216 -13.08 -4.88 1.37
N VAL C 217 -14.20 -5.59 1.22
CA VAL C 217 -15.13 -5.75 2.34
C VAL C 217 -14.46 -6.58 3.43
N THR C 218 -14.86 -6.31 4.68
CA THR C 218 -14.26 -7.03 5.81
C THR C 218 -14.71 -8.48 5.83
N ALA C 219 -16.01 -8.72 5.76
CA ALA C 219 -16.55 -10.07 5.80
C ALA C 219 -17.81 -10.13 4.95
N ILE C 220 -18.24 -11.36 4.65
CA ILE C 220 -19.42 -11.62 3.83
C ILE C 220 -20.43 -12.37 4.68
N ILE C 221 -21.65 -11.84 4.77
CA ILE C 221 -22.74 -12.49 5.48
C ILE C 221 -23.59 -13.22 4.45
N PHE C 222 -23.62 -14.55 4.54
CA PHE C 222 -24.35 -15.40 3.60
C PHE C 222 -25.53 -16.01 4.34
N CYS C 223 -26.72 -15.82 3.80
CA CYS C 223 -27.96 -16.30 4.40
C CYS C 223 -28.55 -17.40 3.55
N VAL C 224 -28.89 -18.53 4.18
CA VAL C 224 -29.50 -19.67 3.52
C VAL C 224 -30.61 -20.20 4.42
N ALA C 225 -31.78 -20.44 3.83
CA ALA C 225 -32.92 -20.98 4.56
C ALA C 225 -32.89 -22.50 4.49
N LEU C 226 -32.82 -23.15 5.66
CA LEU C 226 -32.75 -24.60 5.68
C LEU C 226 -33.97 -25.24 5.03
N SER C 227 -35.07 -24.50 4.93
CA SER C 227 -36.29 -25.04 4.34
C SER C 227 -36.19 -25.17 2.82
N ASP C 228 -35.13 -24.65 2.21
CA ASP C 228 -34.97 -24.72 0.76
C ASP C 228 -34.73 -26.13 0.24
N TYR C 229 -34.66 -27.15 1.11
CA TYR C 229 -34.39 -28.50 0.64
C TYR C 229 -35.62 -29.12 0.00
N ASP C 230 -36.81 -28.64 0.33
CA ASP C 230 -38.05 -29.21 -0.17
C ASP C 230 -38.80 -28.28 -1.12
N LEU C 231 -38.12 -27.30 -1.70
CA LEU C 231 -38.72 -26.33 -2.61
C LEU C 231 -37.93 -26.29 -3.90
N VAL C 232 -38.63 -26.32 -5.03
CA VAL C 232 -37.98 -26.23 -6.34
C VAL C 232 -38.03 -24.79 -6.82
N LEU C 233 -37.02 -24.40 -7.60
CA LEU C 233 -36.96 -23.05 -8.15
C LEU C 233 -38.16 -22.81 -9.06
N ALA C 234 -38.90 -21.74 -8.81
CA ALA C 234 -40.07 -21.44 -9.62
C ALA C 234 -39.72 -21.28 -11.09
N GLU C 235 -38.61 -20.62 -11.39
CA GLU C 235 -38.22 -20.39 -12.77
C GLU C 235 -37.68 -21.65 -13.45
N ASP C 236 -37.33 -22.67 -12.68
CA ASP C 236 -36.79 -23.92 -13.23
C ASP C 236 -37.70 -25.12 -13.01
N GLU C 237 -38.24 -25.31 -11.81
CA GLU C 237 -39.14 -26.41 -11.48
C GLU C 237 -38.45 -27.76 -11.47
N GLU C 238 -37.13 -27.79 -11.63
CA GLU C 238 -36.38 -29.04 -11.63
C GLU C 238 -35.28 -29.01 -10.58
N MET C 239 -34.65 -27.86 -10.39
CA MET C 239 -33.55 -27.70 -9.44
C MET C 239 -34.09 -27.15 -8.13
N ASN C 240 -33.63 -27.73 -7.02
CA ASN C 240 -34.06 -27.29 -5.70
C ASN C 240 -33.39 -25.98 -5.32
N ARG C 241 -34.08 -25.21 -4.47
CA ARG C 241 -33.51 -23.95 -4.01
C ARG C 241 -32.20 -24.16 -3.26
N MET C 242 -32.09 -25.27 -2.54
CA MET C 242 -30.86 -25.55 -1.81
C MET C 242 -29.67 -25.70 -2.76
N HIS C 243 -29.90 -26.33 -3.91
CA HIS C 243 -28.82 -26.48 -4.89
C HIS C 243 -28.40 -25.12 -5.45
N GLU C 244 -29.36 -24.24 -5.71
CA GLU C 244 -29.02 -22.90 -6.18
C GLU C 244 -28.23 -22.14 -5.13
N SER C 245 -28.64 -22.25 -3.86
CA SER C 245 -27.91 -21.58 -2.79
C SER C 245 -26.49 -22.13 -2.68
N MET C 246 -26.33 -23.45 -2.80
CA MET C 246 -24.99 -24.04 -2.74
C MET C 246 -24.13 -23.57 -3.91
N LYS C 247 -24.72 -23.49 -5.11
CA LYS C 247 -23.97 -23.01 -6.26
C LYS C 247 -23.52 -21.57 -6.05
N LEU C 248 -24.43 -20.72 -5.54
CA LEU C 248 -24.06 -19.33 -5.28
C LEU C 248 -22.96 -19.24 -4.23
N PHE C 249 -23.06 -20.04 -3.16
CA PHE C 249 -22.04 -20.03 -2.13
C PHE C 249 -20.69 -20.48 -2.69
N ASP C 250 -20.69 -21.50 -3.54
CA ASP C 250 -19.44 -21.97 -4.13
C ASP C 250 -18.84 -20.91 -5.06
N SER C 251 -19.70 -20.23 -5.83
CA SER C 251 -19.21 -19.18 -6.72
C SER C 251 -18.61 -18.02 -5.93
N ILE C 252 -19.27 -17.63 -4.84
CA ILE C 252 -18.77 -16.50 -4.05
C ILE C 252 -17.49 -16.88 -3.33
N CYS C 253 -17.45 -18.06 -2.72
CA CYS C 253 -16.28 -18.48 -1.96
C CYS C 253 -15.05 -18.61 -2.85
N ASN C 254 -15.19 -19.27 -4.01
CA ASN C 254 -14.08 -19.50 -4.91
C ASN C 254 -13.76 -18.29 -5.78
N ASN C 255 -14.43 -17.16 -5.56
CA ASN C 255 -14.15 -15.97 -6.35
C ASN C 255 -12.74 -15.46 -6.08
N LYS C 256 -12.07 -15.01 -7.13
CA LYS C 256 -10.70 -14.53 -6.99
C LYS C 256 -10.63 -13.28 -6.12
N TRP C 257 -11.68 -12.44 -6.17
CA TRP C 257 -11.65 -11.20 -5.41
C TRP C 257 -11.82 -11.45 -3.92
N PHE C 258 -12.56 -12.49 -3.54
CA PHE C 258 -12.80 -12.82 -2.13
C PHE C 258 -11.92 -13.96 -1.64
N THR C 259 -10.71 -14.10 -2.19
CA THR C 259 -9.83 -15.19 -1.77
C THR C 259 -9.52 -15.10 -0.29
N ASP C 260 -9.29 -13.90 0.22
CA ASP C 260 -8.94 -13.69 1.63
C ASP C 260 -10.14 -13.27 2.48
N THR C 261 -11.28 -12.96 1.87
CA THR C 261 -12.43 -12.50 2.63
C THR C 261 -13.13 -13.68 3.29
N SER C 262 -13.45 -13.53 4.58
CA SER C 262 -14.16 -14.56 5.31
C SER C 262 -15.65 -14.49 5.03
N ILE C 263 -16.35 -15.58 5.32
CA ILE C 263 -17.78 -15.70 5.08
C ILE C 263 -18.46 -16.10 6.38
N ILE C 264 -19.59 -15.46 6.67
CA ILE C 264 -20.42 -15.77 7.84
C ILE C 264 -21.70 -16.38 7.30
N LEU C 265 -21.83 -17.69 7.42
CA LEU C 265 -22.98 -18.42 6.86
C LEU C 265 -24.06 -18.52 7.92
N PHE C 266 -25.23 -17.96 7.61
CA PHE C 266 -26.39 -18.03 8.49
C PHE C 266 -27.40 -19.01 7.92
N LEU C 267 -27.75 -20.03 8.69
CA LEU C 267 -28.74 -21.03 8.29
C LEU C 267 -30.05 -20.67 8.98
N ASN C 268 -30.89 -19.91 8.28
CA ASN C 268 -32.12 -19.40 8.86
C ASN C 268 -33.22 -20.47 8.80
N LYS C 269 -34.35 -20.15 9.43
CA LYS C 269 -35.52 -21.03 9.44
C LYS C 269 -35.21 -22.36 10.14
N LYS C 270 -34.56 -22.30 11.30
CA LYS C 270 -34.26 -23.51 12.04
C LYS C 270 -35.54 -24.21 12.51
N ASP C 271 -36.48 -23.44 13.06
CA ASP C 271 -37.71 -24.03 13.57
C ASP C 271 -38.55 -24.64 12.46
N LEU C 272 -38.73 -23.90 11.36
CA LEU C 272 -39.51 -24.42 10.24
C LEU C 272 -38.84 -25.63 9.61
N PHE C 273 -37.51 -25.62 9.51
CA PHE C 273 -36.80 -26.78 8.97
C PHE C 273 -36.97 -27.99 9.87
N GLU C 274 -36.85 -27.80 11.19
CA GLU C 274 -37.08 -28.91 12.12
C GLU C 274 -38.50 -29.45 11.98
N GLU C 275 -39.48 -28.56 11.86
CA GLU C 275 -40.86 -28.99 11.71
C GLU C 275 -41.06 -29.80 10.43
N LYS C 276 -40.48 -29.32 9.32
CA LYS C 276 -40.67 -29.99 8.04
C LYS C 276 -39.93 -31.32 7.98
N ILE C 277 -38.79 -31.43 8.65
CA ILE C 277 -38.01 -32.65 8.61
C ILE C 277 -38.82 -33.83 9.15
N LYS C 278 -39.75 -33.57 10.06
CA LYS C 278 -40.56 -34.65 10.62
C LYS C 278 -41.54 -35.22 9.61
N LYS C 279 -41.80 -34.50 8.51
CA LYS C 279 -42.75 -34.93 7.49
C LYS C 279 -42.11 -35.22 6.15
N SER C 280 -41.13 -34.41 5.73
CA SER C 280 -40.47 -34.58 4.45
C SER C 280 -39.04 -35.04 4.68
N PRO C 281 -38.66 -36.25 4.27
CA PRO C 281 -37.27 -36.68 4.44
C PRO C 281 -36.30 -35.77 3.71
N LEU C 282 -35.06 -35.74 4.22
CA LEU C 282 -34.03 -34.90 3.62
C LEU C 282 -33.48 -35.48 2.32
N THR C 283 -33.73 -36.78 2.07
CA THR C 283 -33.19 -37.42 0.87
C THR C 283 -33.78 -36.86 -0.42
N ILE C 284 -34.81 -36.01 -0.34
CA ILE C 284 -35.42 -35.47 -1.54
C ILE C 284 -34.39 -34.69 -2.35
N CYS C 285 -33.49 -33.96 -1.69
CA CYS C 285 -32.48 -33.17 -2.37
C CYS C 285 -31.06 -33.70 -2.16
N TYR C 286 -30.86 -34.62 -1.21
CA TYR C 286 -29.54 -35.22 -0.94
C TYR C 286 -29.67 -36.73 -1.09
N PRO C 287 -29.61 -37.24 -2.33
CA PRO C 287 -29.68 -38.70 -2.50
C PRO C 287 -28.58 -39.46 -1.79
N GLU C 288 -27.41 -38.84 -1.59
CA GLU C 288 -26.30 -39.50 -0.91
C GLU C 288 -26.42 -39.44 0.60
N TYR C 289 -27.43 -38.75 1.13
CA TYR C 289 -27.57 -38.63 2.58
C TYR C 289 -27.89 -39.99 3.20
N ALA C 290 -27.14 -40.35 4.26
CA ALA C 290 -27.34 -41.61 4.98
C ALA C 290 -27.32 -41.28 6.47
N GLY C 291 -28.50 -40.99 7.01
CA GLY C 291 -28.62 -40.65 8.42
C GLY C 291 -30.07 -40.67 8.85
N SER C 292 -30.27 -40.41 10.13
CA SER C 292 -31.62 -40.38 10.69
C SER C 292 -32.29 -39.06 10.36
N ASN C 293 -33.63 -39.08 10.37
CA ASN C 293 -34.43 -37.90 10.06
C ASN C 293 -34.64 -37.05 11.32
N THR C 294 -33.52 -36.62 11.90
CA THR C 294 -33.51 -35.77 13.07
C THR C 294 -32.88 -34.43 12.73
N TYR C 295 -33.29 -33.39 13.46
CA TYR C 295 -32.78 -32.05 13.18
C TYR C 295 -31.26 -31.98 13.32
N GLU C 296 -30.72 -32.59 14.36
CA GLU C 296 -29.28 -32.48 14.63
C GLU C 296 -28.47 -33.02 13.46
N GLU C 297 -28.75 -34.26 13.04
CA GLU C 297 -27.95 -34.87 11.99
C GLU C 297 -28.14 -34.16 10.66
N ALA C 298 -29.37 -33.76 10.34
CA ALA C 298 -29.62 -33.06 9.08
C ALA C 298 -28.88 -31.72 9.05
N ALA C 299 -28.94 -30.98 10.16
CA ALA C 299 -28.24 -29.69 10.21
C ALA C 299 -26.73 -29.89 10.13
N ALA C 300 -26.20 -30.91 10.80
CA ALA C 300 -24.77 -31.17 10.71
C ALA C 300 -24.37 -31.52 9.28
N TYR C 301 -25.19 -32.32 8.60
CA TYR C 301 -24.90 -32.68 7.21
C TYR C 301 -24.94 -31.46 6.31
N ILE C 302 -25.93 -30.59 6.50
CA ILE C 302 -26.03 -29.38 5.68
C ILE C 302 -24.81 -28.49 5.91
N GLN C 303 -24.40 -28.34 7.18
CA GLN C 303 -23.24 -27.51 7.48
C GLN C 303 -21.97 -28.09 6.87
N CYS C 304 -21.79 -29.41 6.98
CA CYS C 304 -20.62 -30.04 6.39
C CYS C 304 -20.61 -29.89 4.88
N GLN C 305 -21.77 -30.01 4.24
CA GLN C 305 -21.86 -29.83 2.80
C GLN C 305 -21.50 -28.40 2.40
N PHE C 306 -22.02 -27.42 3.13
CA PHE C 306 -21.75 -26.03 2.81
C PHE C 306 -20.29 -25.68 3.05
N GLU C 307 -19.67 -26.30 4.05
CA GLU C 307 -18.26 -26.01 4.34
C GLU C 307 -17.32 -26.75 3.40
N ASP C 308 -17.73 -27.90 2.88
CA ASP C 308 -16.86 -28.65 1.98
C ASP C 308 -16.67 -27.91 0.66
N LEU C 309 -17.67 -27.11 0.26
CA LEU C 309 -17.55 -26.34 -0.97
C LEU C 309 -16.31 -25.45 -0.94
N ASN C 310 -15.91 -24.99 0.23
CA ASN C 310 -14.73 -24.14 0.35
C ASN C 310 -13.49 -24.92 -0.02
N LYS C 311 -12.68 -24.35 -0.92
CA LYS C 311 -11.44 -24.98 -1.36
C LYS C 311 -10.24 -24.44 -0.60
N ARG C 312 -10.12 -23.11 -0.50
CA ARG C 312 -9.02 -22.48 0.22
C ARG C 312 -9.31 -22.52 1.73
N LYS C 313 -9.22 -23.73 2.28
CA LYS C 313 -9.52 -23.93 3.69
C LYS C 313 -8.39 -23.47 4.62
N ASP C 314 -7.26 -23.04 4.06
CA ASP C 314 -6.14 -22.59 4.88
C ASP C 314 -6.20 -21.09 5.15
N THR C 315 -6.40 -20.27 4.11
CA THR C 315 -6.45 -18.83 4.28
C THR C 315 -7.84 -18.37 4.70
N LYS C 316 -8.87 -18.89 4.04
CA LYS C 316 -10.24 -18.47 4.33
C LYS C 316 -10.84 -19.34 5.42
N GLU C 317 -11.67 -18.71 6.25
CA GLU C 317 -12.39 -19.38 7.32
C GLU C 317 -13.87 -19.02 7.23
N ILE C 318 -14.72 -20.01 7.48
CA ILE C 318 -16.17 -19.87 7.40
C ILE C 318 -16.76 -20.04 8.78
N TYR C 319 -17.59 -19.08 9.20
CA TYR C 319 -18.30 -19.13 10.47
C TYR C 319 -19.76 -19.46 10.19
N THR C 320 -20.17 -20.66 10.59
CA THR C 320 -21.54 -21.13 10.38
C THR C 320 -22.32 -21.03 11.67
N HIS C 321 -23.56 -20.54 11.57
CA HIS C 321 -24.41 -20.36 12.73
C HIS C 321 -25.87 -20.56 12.34
N PHE C 322 -26.64 -21.16 13.23
CA PHE C 322 -28.07 -21.35 13.04
C PHE C 322 -28.83 -20.24 13.76
N THR C 323 -29.85 -19.71 13.09
CA THR C 323 -30.54 -18.52 13.61
C THR C 323 -32.04 -18.67 13.37
N CYS C 324 -32.79 -17.86 14.12
CA CYS C 324 -34.25 -17.79 13.98
C CYS C 324 -34.68 -16.33 13.94
N SER C 325 -35.99 -16.09 14.01
CA SER C 325 -36.50 -14.72 13.99
C SER C 325 -36.47 -14.08 15.37
N THR C 326 -36.27 -14.86 16.43
CA THR C 326 -36.29 -14.34 17.79
C THR C 326 -34.92 -14.23 18.44
N ASP C 327 -33.95 -15.02 18.01
CA ASP C 327 -32.63 -15.02 18.64
C ASP C 327 -31.86 -13.77 18.23
N THR C 328 -31.21 -13.14 19.21
CA THR C 328 -30.42 -11.94 18.97
C THR C 328 -28.92 -12.14 19.02
N LYS C 329 -28.46 -13.38 19.23
CA LYS C 329 -27.03 -13.64 19.33
C LYS C 329 -26.30 -13.50 17.99
N ASN C 330 -27.03 -13.29 16.89
CA ASN C 330 -26.37 -13.16 15.60
C ASN C 330 -25.44 -11.96 15.57
N VAL C 331 -25.82 -10.87 16.26
CA VAL C 331 -24.99 -9.68 16.26
C VAL C 331 -23.65 -9.96 16.95
N GLN C 332 -23.68 -10.71 18.06
CA GLN C 332 -22.43 -11.06 18.73
C GLN C 332 -21.57 -11.96 17.85
N PHE C 333 -22.20 -12.86 17.09
CA PHE C 333 -21.46 -13.72 16.18
C PHE C 333 -20.76 -12.90 15.10
N VAL C 334 -21.49 -11.96 14.49
CA VAL C 334 -20.89 -11.10 13.47
C VAL C 334 -19.78 -10.26 14.08
N PHE C 335 -19.98 -9.79 15.31
CA PHE C 335 -18.95 -8.99 15.97
C PHE C 335 -17.69 -9.79 16.20
N ASP C 336 -17.83 -11.05 16.67
CA ASP C 336 -16.66 -11.90 16.87
C ASP C 336 -15.95 -12.16 15.56
N ALA C 337 -16.70 -12.45 14.49
CA ALA C 337 -16.09 -12.69 13.20
C ALA C 337 -15.31 -11.45 12.73
N VAL C 338 -15.92 -10.27 12.86
CA VAL C 338 -15.27 -9.04 12.41
C VAL C 338 -14.04 -8.75 13.26
N THR C 339 -14.11 -9.04 14.56
CA THR C 339 -12.96 -8.85 15.43
C THR C 339 -11.80 -9.74 15.00
N ASP C 340 -12.08 -11.01 14.73
CA ASP C 340 -11.04 -11.91 14.23
C ASP C 340 -10.45 -11.39 12.93
N VAL C 341 -11.32 -10.93 12.01
CA VAL C 341 -10.84 -10.48 10.71
C VAL C 341 -9.94 -9.27 10.86
N ILE C 342 -10.33 -8.31 11.72
CA ILE C 342 -9.53 -7.10 11.87
C ILE C 342 -8.23 -7.40 12.61
N ILE C 343 -8.26 -8.35 13.55
CA ILE C 343 -7.02 -8.74 14.22
C ILE C 343 -6.06 -9.36 13.21
N LYS C 344 -6.58 -10.22 12.33
CA LYS C 344 -5.75 -10.80 11.29
C LYS C 344 -5.19 -9.72 10.35
N ASN C 345 -6.02 -8.74 9.99
CA ASN C 345 -5.58 -7.68 9.10
C ASN C 345 -4.49 -6.85 9.76
N ASN C 346 -4.64 -6.56 11.05
CA ASN C 346 -3.62 -5.79 11.77
C ASN C 346 -2.32 -6.57 11.86
N LEU C 347 -2.40 -7.87 12.15
CA LEU C 347 -1.19 -8.68 12.20
C LEU C 347 -0.51 -8.72 10.84
N LYS C 348 -1.29 -8.79 9.76
CA LYS C 348 -0.71 -8.76 8.43
C LYS C 348 -0.02 -7.43 8.16
N ASP C 349 -0.68 -6.33 8.51
CA ASP C 349 -0.09 -5.01 8.29
C ASP C 349 1.21 -4.86 9.07
N CYS C 350 1.25 -5.39 10.30
CA CYS C 350 2.46 -5.34 11.11
C CYS C 350 3.51 -6.34 10.68
N GLY C 351 3.20 -7.22 9.74
CA GLY C 351 4.15 -8.21 9.28
C GLY C 351 4.28 -9.43 10.15
N LEU C 352 3.39 -9.61 11.13
CA LEU C 352 3.47 -10.77 12.00
C LEU C 352 2.78 -11.99 11.40
N PHE C 353 1.60 -11.80 10.82
CA PHE C 353 0.86 -12.90 10.21
C PHE C 353 1.53 -13.34 8.91
N GLN D 18 -32.30 -17.00 -40.97
CA GLN D 18 -32.22 -16.70 -42.43
C GLN D 18 -31.59 -15.32 -42.66
N LEU D 19 -32.17 -14.30 -42.03
CA LEU D 19 -31.66 -12.95 -42.18
C LEU D 19 -30.23 -12.84 -41.66
N LYS D 20 -29.87 -13.64 -40.66
CA LYS D 20 -28.51 -13.60 -40.13
C LYS D 20 -27.50 -14.01 -41.19
N ASN D 21 -27.79 -15.11 -41.90
CA ASN D 21 -26.90 -15.55 -42.98
C ASN D 21 -26.85 -14.51 -44.09
N GLN D 22 -27.96 -13.82 -44.34
CA GLN D 22 -27.96 -12.78 -45.37
C GLN D 22 -27.05 -11.63 -44.98
N ILE D 23 -27.13 -11.17 -43.73
CA ILE D 23 -26.24 -10.10 -43.28
C ILE D 23 -24.79 -10.57 -43.30
N ARG D 24 -24.56 -11.83 -42.95
CA ARG D 24 -23.20 -12.36 -42.99
C ARG D 24 -22.64 -12.35 -44.41
N ASP D 25 -23.45 -12.79 -45.37
CA ASP D 25 -23.01 -12.80 -46.76
C ASP D 25 -22.79 -11.38 -47.28
N ALA D 26 -23.65 -10.44 -46.88
CA ALA D 26 -23.46 -9.05 -47.28
C ALA D 26 -22.14 -8.50 -46.73
N ARG D 27 -21.86 -8.75 -45.46
CA ARG D 27 -20.62 -8.25 -44.86
C ARG D 27 -19.41 -8.92 -45.48
N LYS D 28 -19.52 -10.20 -45.83
CA LYS D 28 -18.42 -10.88 -46.52
C LYS D 28 -18.17 -10.28 -47.89
N ALA D 29 -19.24 -9.98 -48.63
CA ALA D 29 -19.08 -9.32 -49.92
C ALA D 29 -18.49 -7.91 -49.75
N CYS D 30 -18.79 -7.26 -48.64
CA CYS D 30 -18.20 -5.94 -48.38
C CYS D 30 -16.70 -6.03 -48.17
N ALA D 31 -16.21 -7.16 -47.64
CA ALA D 31 -14.79 -7.33 -47.38
C ALA D 31 -14.03 -7.58 -48.67
N ASP D 32 -13.87 -6.55 -49.50
CA ASP D 32 -13.10 -6.70 -50.73
C ASP D 32 -11.63 -6.95 -50.44
N ALA D 33 -11.11 -6.37 -49.35
CA ALA D 33 -9.72 -6.57 -48.97
C ALA D 33 -9.51 -6.03 -47.57
N THR D 34 -8.78 -6.79 -46.75
CA THR D 34 -8.46 -6.35 -45.40
C THR D 34 -7.51 -5.16 -45.45
N LEU D 35 -7.84 -4.11 -44.71
CA LEU D 35 -7.04 -2.89 -44.76
C LEU D 35 -5.59 -3.11 -44.37
N SER D 36 -5.28 -4.20 -43.68
CA SER D 36 -3.88 -4.51 -43.38
C SER D 36 -3.04 -4.62 -44.65
N GLN D 37 -3.68 -4.93 -45.78
CA GLN D 37 -2.95 -5.02 -47.04
C GLN D 37 -2.70 -3.63 -47.63
N ILE D 38 -3.74 -2.79 -47.66
CA ILE D 38 -3.59 -1.48 -48.26
C ILE D 38 -2.75 -0.56 -47.38
N THR D 39 -2.79 -0.75 -46.06
CA THR D 39 -2.03 0.07 -45.14
C THR D 39 -0.55 -0.28 -45.11
N ASN D 40 -0.11 -1.22 -45.94
CA ASN D 40 1.31 -1.58 -45.96
C ASN D 40 2.16 -0.44 -46.50
N ASN D 41 1.62 0.35 -47.45
CA ASN D 41 2.37 1.47 -47.99
C ASN D 41 2.73 2.48 -46.91
N ILE D 42 1.81 2.73 -45.98
CA ILE D 42 2.09 3.65 -44.88
C ILE D 42 3.20 3.07 -44.01
N ASP D 43 4.22 3.87 -43.76
CA ASP D 43 5.35 3.40 -42.97
C ASP D 43 4.94 3.31 -41.50
N PRO D 44 5.42 2.32 -40.75
CA PRO D 44 5.05 2.23 -39.34
C PRO D 44 5.71 3.34 -38.53
N VAL D 45 4.91 3.96 -37.65
CA VAL D 45 5.43 5.06 -36.83
C VAL D 45 6.46 4.52 -35.86
N GLY D 46 7.51 5.30 -35.63
CA GLY D 46 8.54 4.89 -34.70
C GLY D 46 8.00 4.80 -33.27
N ARG D 47 8.56 3.86 -32.51
CA ARG D 47 8.10 3.64 -31.14
C ARG D 47 8.35 4.90 -30.31
N ILE D 48 7.32 5.35 -29.61
CA ILE D 48 7.37 6.57 -28.81
C ILE D 48 7.28 6.18 -27.34
N GLN D 49 8.13 6.80 -26.52
CA GLN D 49 8.15 6.56 -25.08
C GLN D 49 7.48 7.74 -24.39
N MET D 50 6.24 7.54 -23.96
CA MET D 50 5.49 8.57 -23.26
C MET D 50 5.87 8.57 -21.78
N ARG D 51 6.36 9.71 -21.30
CA ARG D 51 6.77 9.86 -19.92
C ARG D 51 5.71 10.62 -19.12
N THR D 52 5.55 10.22 -17.86
CA THR D 52 4.58 10.87 -16.99
C THR D 52 5.04 12.29 -16.66
N ARG D 53 4.07 13.20 -16.59
CA ARG D 53 4.34 14.61 -16.28
C ARG D 53 3.74 15.01 -14.94
N ARG D 54 2.45 14.77 -14.72
CA ARG D 54 1.78 15.12 -13.48
C ARG D 54 1.21 13.86 -12.83
N THR D 55 1.47 13.73 -11.53
CA THR D 55 0.95 12.61 -10.74
C THR D 55 -0.07 13.15 -9.76
N LEU D 56 -1.33 12.78 -9.95
CA LEU D 56 -2.44 13.24 -9.13
C LEU D 56 -2.67 12.25 -8.00
N ARG D 57 -2.53 12.73 -6.76
CA ARG D 57 -2.59 11.87 -5.58
C ARG D 57 -3.71 12.30 -4.64
N GLY D 58 -4.88 12.61 -5.17
CA GLY D 58 -5.99 13.06 -4.35
C GLY D 58 -6.87 11.92 -3.87
N HIS D 59 -7.24 11.02 -4.77
CA HIS D 59 -8.11 9.91 -4.41
C HIS D 59 -7.40 8.96 -3.45
N LEU D 60 -8.21 8.13 -2.78
CA LEU D 60 -7.71 7.15 -1.84
C LEU D 60 -8.18 5.73 -2.12
N ALA D 61 -9.24 5.55 -2.89
CA ALA D 61 -9.78 4.24 -3.22
C ALA D 61 -9.58 3.97 -4.71
N LYS D 62 -10.10 2.84 -5.17
CA LYS D 62 -9.94 2.45 -6.56
C LYS D 62 -10.68 3.41 -7.48
N ILE D 63 -9.95 4.03 -8.40
CA ILE D 63 -10.57 4.91 -9.38
C ILE D 63 -11.26 4.08 -10.45
N TYR D 64 -12.39 4.57 -10.95
CA TYR D 64 -13.21 3.82 -11.90
C TYR D 64 -13.46 4.54 -13.21
N ALA D 65 -13.59 5.87 -13.20
CA ALA D 65 -13.92 6.61 -14.41
C ALA D 65 -13.39 8.03 -14.33
N MET D 66 -13.04 8.58 -15.48
CA MET D 66 -12.61 9.96 -15.61
C MET D 66 -13.05 10.48 -16.96
N HIS D 67 -13.11 11.81 -17.07
CA HIS D 67 -13.54 12.45 -18.31
C HIS D 67 -12.82 13.77 -18.48
N TRP D 68 -12.34 14.04 -19.69
CA TRP D 68 -11.66 15.29 -19.99
C TRP D 68 -12.66 16.39 -20.29
N GLY D 69 -12.22 17.64 -20.08
CA GLY D 69 -13.04 18.78 -20.43
C GLY D 69 -12.77 19.27 -21.84
N THR D 70 -13.75 20.00 -22.39
CA THR D 70 -13.61 20.54 -23.73
C THR D 70 -12.49 21.54 -23.86
N ASP D 71 -12.03 22.13 -22.75
CA ASP D 71 -10.92 23.08 -22.78
C ASP D 71 -9.57 22.39 -22.68
N SER D 72 -9.52 21.08 -22.49
CA SER D 72 -8.27 20.33 -22.34
C SER D 72 -7.47 20.78 -21.13
N ARG D 73 -8.14 21.39 -20.14
CA ARG D 73 -7.49 21.87 -18.93
C ARG D 73 -7.97 21.14 -17.68
N LEU D 74 -9.28 21.01 -17.51
CA LEU D 74 -9.85 20.36 -16.34
C LEU D 74 -10.33 18.95 -16.69
N LEU D 75 -10.22 18.06 -15.72
CA LEU D 75 -10.68 16.68 -15.87
C LEU D 75 -11.32 16.22 -14.57
N VAL D 76 -12.44 15.50 -14.68
CA VAL D 76 -13.15 14.97 -13.53
C VAL D 76 -12.79 13.51 -13.37
N SER D 77 -12.73 13.05 -12.11
CA SER D 77 -12.41 11.66 -11.81
C SER D 77 -13.30 11.18 -10.67
N ALA D 78 -13.73 9.93 -10.77
CA ALA D 78 -14.62 9.31 -9.78
C ALA D 78 -13.91 8.12 -9.16
N SER D 79 -14.00 8.00 -7.84
CA SER D 79 -13.38 6.91 -7.10
C SER D 79 -14.43 6.24 -6.23
N GLN D 80 -14.17 4.96 -5.90
CA GLN D 80 -15.11 4.20 -5.07
C GLN D 80 -15.25 4.77 -3.67
N ASP D 81 -14.32 5.64 -3.24
CA ASP D 81 -14.42 6.24 -1.91
C ASP D 81 -15.57 7.23 -1.80
N GLY D 82 -16.19 7.61 -2.91
CA GLY D 82 -17.29 8.54 -2.90
C GLY D 82 -16.93 9.99 -3.07
N LYS D 83 -15.96 10.31 -3.93
CA LYS D 83 -15.49 11.68 -4.11
C LYS D 83 -15.27 11.95 -5.60
N LEU D 84 -15.83 13.04 -6.09
CA LEU D 84 -15.56 13.55 -7.42
C LEU D 84 -14.59 14.71 -7.32
N ILE D 85 -13.46 14.59 -8.02
CA ILE D 85 -12.39 15.57 -7.97
C ILE D 85 -12.17 16.10 -9.38
N ILE D 86 -12.31 17.41 -9.56
CA ILE D 86 -12.01 18.09 -10.81
C ILE D 86 -10.58 18.60 -10.74
N TRP D 87 -9.70 17.99 -11.52
CA TRP D 87 -8.26 18.25 -11.44
C TRP D 87 -7.87 19.30 -12.48
N ASP D 88 -7.00 20.21 -12.07
CA ASP D 88 -6.37 21.14 -13.01
C ASP D 88 -5.12 20.46 -13.57
N SER D 89 -5.21 19.95 -14.80
CA SER D 89 -4.14 19.13 -15.36
C SER D 89 -2.82 19.87 -15.39
N TYR D 90 -2.84 21.20 -15.44
CA TYR D 90 -1.61 21.97 -15.58
C TYR D 90 -0.93 22.18 -14.23
N THR D 91 -1.65 22.75 -13.27
CA THR D 91 -1.08 23.09 -11.97
C THR D 91 -1.32 22.02 -10.91
N THR D 92 -2.08 20.97 -11.22
CA THR D 92 -2.40 19.88 -10.31
C THR D 92 -3.38 20.28 -9.23
N ASN D 93 -3.81 21.54 -9.19
CA ASN D 93 -4.73 21.99 -8.14
C ASN D 93 -6.08 21.32 -8.29
N LYS D 94 -6.79 21.20 -7.18
CA LYS D 94 -8.13 20.62 -7.14
C LYS D 94 -9.15 21.75 -7.24
N VAL D 95 -9.96 21.72 -8.30
CA VAL D 95 -10.93 22.79 -8.51
C VAL D 95 -12.15 22.58 -7.61
N HIS D 96 -12.68 21.36 -7.56
CA HIS D 96 -13.86 21.08 -6.78
C HIS D 96 -13.78 19.65 -6.25
N ALA D 97 -14.34 19.45 -5.05
CA ALA D 97 -14.44 18.14 -4.43
C ALA D 97 -15.89 17.95 -3.98
N ILE D 98 -16.59 17.04 -4.63
CA ILE D 98 -18.02 16.81 -4.41
C ILE D 98 -18.20 15.54 -3.59
N PRO D 99 -18.90 15.59 -2.46
CA PRO D 99 -19.18 14.35 -1.71
C PRO D 99 -20.33 13.57 -2.32
N LEU D 100 -20.04 12.40 -2.87
CA LEU D 100 -21.08 11.61 -3.52
C LEU D 100 -22.07 11.07 -2.51
N ARG D 101 -23.34 10.97 -2.94
CA ARG D 101 -24.36 10.38 -2.09
C ARG D 101 -24.25 8.85 -2.06
N SER D 102 -23.82 8.26 -3.18
CA SER D 102 -23.61 6.83 -3.29
C SER D 102 -22.13 6.59 -3.57
N SER D 103 -21.44 5.91 -2.65
CA SER D 103 -20.01 5.70 -2.79
C SER D 103 -19.68 4.69 -3.88
N TRP D 104 -20.63 3.83 -4.25
CA TRP D 104 -20.40 2.81 -5.28
C TRP D 104 -20.58 3.38 -6.68
N VAL D 105 -19.65 4.24 -7.09
CA VAL D 105 -19.70 4.91 -8.39
C VAL D 105 -18.73 4.22 -9.33
N MET D 106 -19.13 4.10 -10.60
CA MET D 106 -18.26 3.52 -11.62
C MET D 106 -18.32 4.28 -12.94
N THR D 107 -18.96 5.44 -12.99
CA THR D 107 -19.08 6.21 -14.22
C THR D 107 -19.24 7.69 -13.89
N CYS D 108 -18.64 8.54 -14.71
CA CYS D 108 -18.76 9.98 -14.56
C CYS D 108 -18.50 10.63 -15.91
N ALA D 109 -19.05 11.82 -16.10
CA ALA D 109 -18.93 12.54 -17.35
C ALA D 109 -18.79 14.03 -17.07
N TYR D 110 -18.21 14.74 -18.03
CA TYR D 110 -18.00 16.18 -17.95
C TYR D 110 -18.75 16.85 -19.09
N ALA D 111 -19.67 17.74 -18.75
CA ALA D 111 -20.48 18.39 -19.77
C ALA D 111 -19.60 19.17 -20.74
N PRO D 112 -20.04 19.32 -21.99
CA PRO D 112 -19.21 20.06 -22.96
C PRO D 112 -19.04 21.53 -22.62
N SER D 113 -20.04 22.16 -21.98
CA SER D 113 -19.92 23.55 -21.60
C SER D 113 -19.27 23.74 -20.24
N GLY D 114 -18.97 22.66 -19.53
CA GLY D 114 -18.36 22.76 -18.22
C GLY D 114 -19.30 23.25 -17.14
N ASN D 115 -20.61 23.17 -17.37
CA ASN D 115 -21.57 23.67 -16.38
C ASN D 115 -22.07 22.56 -15.46
N TYR D 116 -22.05 21.31 -15.92
CA TYR D 116 -22.59 20.20 -15.14
C TYR D 116 -21.67 19.00 -15.25
N VAL D 117 -21.78 18.11 -14.27
CA VAL D 117 -21.03 16.86 -14.23
C VAL D 117 -21.99 15.74 -13.84
N ALA D 118 -21.93 14.63 -14.56
CA ALA D 118 -22.78 13.48 -14.32
C ALA D 118 -22.04 12.44 -13.49
N CYS D 119 -22.80 11.57 -12.83
CA CYS D 119 -22.21 10.54 -11.98
C CYS D 119 -23.26 9.46 -11.71
N GLY D 120 -22.76 8.28 -11.36
CA GLY D 120 -23.65 7.17 -11.04
C GLY D 120 -22.85 5.90 -10.87
N GLY D 121 -23.57 4.82 -10.59
CA GLY D 121 -22.94 3.52 -10.41
C GLY D 121 -23.93 2.45 -9.96
N LEU D 122 -23.55 1.66 -8.96
CA LEU D 122 -24.44 0.63 -8.45
C LEU D 122 -25.79 1.19 -8.05
N ASP D 123 -25.84 2.41 -7.55
CA ASP D 123 -27.11 3.10 -7.32
C ASP D 123 -27.70 3.51 -8.67
N ASN D 124 -28.85 2.93 -9.02
CA ASN D 124 -29.43 3.16 -10.33
C ASN D 124 -29.67 4.63 -10.61
N ILE D 125 -29.71 5.48 -9.56
CA ILE D 125 -29.94 6.90 -9.77
C ILE D 125 -28.71 7.54 -10.39
N CYS D 126 -28.92 8.36 -11.42
CA CYS D 126 -27.87 9.13 -12.05
C CYS D 126 -27.95 10.58 -11.54
N SER D 127 -26.82 11.09 -11.05
CA SER D 127 -26.77 12.39 -10.38
C SER D 127 -26.10 13.40 -11.30
N ILE D 128 -26.72 14.56 -11.47
CA ILE D 128 -26.17 15.67 -12.22
C ILE D 128 -25.80 16.78 -11.24
N TYR D 129 -24.55 17.19 -11.27
CA TYR D 129 -24.04 18.21 -10.35
C TYR D 129 -23.72 19.48 -11.11
N ASN D 130 -24.17 20.61 -10.59
CA ASN D 130 -23.93 21.91 -11.20
C ASN D 130 -22.70 22.55 -10.57
N LEU D 131 -21.73 22.93 -11.41
CA LEU D 131 -20.49 23.51 -10.90
C LEU D 131 -20.57 25.02 -10.79
N LYS D 132 -21.21 25.69 -11.74
CA LYS D 132 -21.30 27.14 -11.73
C LYS D 132 -22.50 27.59 -10.90
N THR D 133 -22.48 27.31 -9.60
CA THR D 133 -23.57 27.68 -8.71
C THR D 133 -23.30 29.06 -8.10
N ARG D 134 -24.38 29.67 -7.58
CA ARG D 134 -24.25 30.98 -6.96
C ARG D 134 -23.65 30.85 -5.56
N GLU D 135 -24.09 29.87 -4.78
CA GLU D 135 -23.53 29.63 -3.45
C GLU D 135 -22.05 29.25 -3.51
N GLY D 136 -21.56 28.84 -4.67
CA GLY D 136 -20.19 28.37 -4.80
C GLY D 136 -19.99 26.91 -4.49
N ASN D 137 -20.94 26.27 -3.81
CA ASN D 137 -20.84 24.84 -3.53
C ASN D 137 -21.51 24.05 -4.62
N VAL D 138 -20.91 22.91 -4.98
CA VAL D 138 -21.48 22.06 -6.01
C VAL D 138 -22.68 21.31 -5.43
N ARG D 139 -23.84 21.48 -6.06
CA ARG D 139 -25.08 20.88 -5.59
C ARG D 139 -25.72 20.07 -6.71
N VAL D 140 -26.46 19.04 -6.32
CA VAL D 140 -27.11 18.17 -7.30
C VAL D 140 -28.17 18.97 -8.06
N SER D 141 -28.05 19.01 -9.38
CA SER D 141 -29.04 19.68 -10.20
C SER D 141 -30.35 18.89 -10.24
N ARG D 142 -30.25 17.57 -10.46
CA ARG D 142 -31.42 16.72 -10.52
C ARG D 142 -30.98 15.26 -10.42
N GLU D 143 -31.84 14.44 -9.84
CA GLU D 143 -31.60 13.01 -9.72
C GLU D 143 -32.47 12.25 -10.71
N LEU D 144 -31.83 11.49 -11.60
CA LEU D 144 -32.51 10.75 -12.64
C LEU D 144 -32.64 9.29 -12.20
N ALA D 145 -33.89 8.81 -12.13
CA ALA D 145 -34.18 7.45 -11.71
C ALA D 145 -35.07 6.78 -12.74
N GLY D 146 -35.09 5.45 -12.74
CA GLY D 146 -35.90 4.70 -13.68
C GLY D 146 -35.24 3.43 -14.15
N HIS D 147 -33.92 3.34 -13.99
CA HIS D 147 -33.18 2.15 -14.38
C HIS D 147 -33.26 1.10 -13.28
N THR D 148 -33.48 -0.15 -13.68
CA THR D 148 -33.51 -1.27 -12.74
C THR D 148 -32.13 -1.83 -12.45
N GLY D 149 -31.15 -1.62 -13.35
CA GLY D 149 -29.81 -2.10 -13.15
C GLY D 149 -28.84 -0.96 -12.85
N TYR D 150 -27.60 -1.34 -12.55
CA TYR D 150 -26.58 -0.36 -12.22
C TYR D 150 -26.23 0.49 -13.44
N LEU D 151 -25.98 1.77 -13.20
CA LEU D 151 -25.57 2.68 -14.27
C LEU D 151 -24.12 2.39 -14.65
N SER D 152 -23.92 1.92 -15.88
CA SER D 152 -22.59 1.54 -16.33
C SER D 152 -21.82 2.69 -16.97
N CYS D 153 -22.48 3.49 -17.80
CA CYS D 153 -21.83 4.60 -18.48
C CYS D 153 -22.85 5.65 -18.86
N CYS D 154 -22.42 6.91 -18.83
CA CYS D 154 -23.27 8.03 -19.21
C CYS D 154 -22.40 9.11 -19.84
N ARG D 155 -23.01 9.85 -20.77
CA ARG D 155 -22.30 10.91 -21.48
C ARG D 155 -23.25 12.05 -21.74
N PHE D 156 -22.73 13.28 -21.68
CA PHE D 156 -23.55 14.47 -21.88
C PHE D 156 -23.77 14.70 -23.37
N LEU D 157 -25.02 14.59 -23.82
CA LEU D 157 -25.35 14.96 -25.19
C LEU D 157 -25.44 16.47 -25.34
N ASP D 158 -25.87 17.16 -24.29
CA ASP D 158 -25.96 18.62 -24.29
C ASP D 158 -26.08 19.09 -22.85
N ASP D 159 -26.16 20.41 -22.69
CA ASP D 159 -26.30 20.98 -21.35
C ASP D 159 -27.63 20.62 -20.70
N ASN D 160 -28.59 20.09 -21.46
CA ASN D 160 -29.89 19.71 -20.93
C ASN D 160 -30.26 18.27 -21.23
N GLN D 161 -29.51 17.58 -22.08
CA GLN D 161 -29.80 16.20 -22.45
C GLN D 161 -28.59 15.33 -22.14
N ILE D 162 -28.85 14.15 -21.59
CA ILE D 162 -27.81 13.20 -21.22
C ILE D 162 -28.26 11.80 -21.61
N VAL D 163 -27.37 11.05 -22.25
CA VAL D 163 -27.60 9.66 -22.60
C VAL D 163 -26.97 8.78 -21.52
N THR D 164 -27.60 7.64 -21.26
CA THR D 164 -27.17 6.76 -20.17
C THR D 164 -27.24 5.31 -20.63
N SER D 165 -26.42 4.48 -19.99
CA SER D 165 -26.43 3.04 -20.20
C SER D 165 -26.45 2.36 -18.84
N SER D 166 -27.28 1.33 -18.72
CA SER D 166 -27.46 0.63 -17.45
C SER D 166 -27.38 -0.87 -17.68
N GLY D 167 -27.01 -1.58 -16.63
CA GLY D 167 -26.85 -3.02 -16.73
C GLY D 167 -28.12 -3.77 -17.07
N ASP D 168 -29.27 -3.10 -16.96
CA ASP D 168 -30.54 -3.75 -17.21
C ASP D 168 -30.87 -3.78 -18.70
N THR D 169 -29.92 -4.24 -19.51
CA THR D 169 -30.11 -4.49 -20.94
C THR D 169 -30.79 -3.34 -21.67
N THR D 170 -30.65 -2.10 -21.18
CA THR D 170 -31.33 -0.97 -21.79
C THR D 170 -30.49 0.30 -21.61
N CYS D 171 -30.62 1.19 -22.59
CA CYS D 171 -30.06 2.54 -22.51
C CYS D 171 -31.21 3.54 -22.58
N ALA D 172 -30.96 4.75 -22.08
CA ALA D 172 -31.99 5.77 -21.99
C ALA D 172 -31.38 7.14 -22.23
N LEU D 173 -32.17 8.01 -22.86
CA LEU D 173 -31.84 9.41 -23.05
C LEU D 173 -32.76 10.25 -22.18
N TRP D 174 -32.17 11.18 -21.43
CA TRP D 174 -32.90 11.93 -20.43
C TRP D 174 -32.87 13.43 -20.75
N ASP D 175 -33.88 14.13 -20.24
CA ASP D 175 -33.93 15.59 -20.26
C ASP D 175 -33.70 16.10 -18.85
N ILE D 176 -32.55 16.74 -18.63
CA ILE D 176 -32.19 17.16 -17.28
C ILE D 176 -33.19 18.19 -16.74
N GLU D 177 -33.89 18.89 -17.61
CA GLU D 177 -34.85 19.89 -17.14
C GLU D 177 -36.08 19.23 -16.53
N THR D 178 -36.71 18.30 -17.25
CA THR D 178 -37.91 17.64 -16.77
C THR D 178 -37.62 16.40 -15.93
N GLY D 179 -36.54 15.68 -16.23
CA GLY D 179 -36.21 14.48 -15.47
C GLY D 179 -36.97 13.24 -15.88
N GLN D 180 -37.17 13.04 -17.18
CA GLN D 180 -37.88 11.88 -17.67
C GLN D 180 -37.19 11.36 -18.92
N GLN D 181 -37.34 10.06 -19.17
CA GLN D 181 -36.72 9.42 -20.33
C GLN D 181 -37.43 9.86 -21.59
N THR D 182 -36.77 10.69 -22.40
CA THR D 182 -37.34 11.09 -23.68
C THR D 182 -37.31 9.93 -24.67
N THR D 183 -36.34 9.04 -24.55
CA THR D 183 -36.24 7.88 -25.42
C THR D 183 -35.55 6.75 -24.67
N THR D 184 -36.04 5.53 -24.88
CA THR D 184 -35.49 4.34 -24.26
C THR D 184 -35.04 3.38 -25.33
N PHE D 185 -33.80 2.92 -25.24
CA PHE D 185 -33.21 2.00 -26.22
C PHE D 185 -33.18 0.60 -25.63
N THR D 186 -33.87 -0.33 -26.28
CA THR D 186 -33.93 -1.71 -25.86
C THR D 186 -33.58 -2.62 -27.03
N GLY D 187 -33.06 -3.80 -26.73
CA GLY D 187 -32.64 -4.73 -27.76
C GLY D 187 -31.39 -5.50 -27.37
N HIS D 188 -30.65 -4.99 -26.40
CA HIS D 188 -29.49 -5.71 -25.89
C HIS D 188 -29.93 -6.95 -25.12
N THR D 189 -29.26 -8.07 -25.36
CA THR D 189 -29.57 -9.33 -24.70
C THR D 189 -28.68 -9.58 -23.48
N GLY D 190 -27.97 -8.56 -23.00
CA GLY D 190 -27.11 -8.73 -21.85
C GLY D 190 -26.86 -7.41 -21.16
N ASP D 191 -25.97 -7.44 -20.17
CA ASP D 191 -25.64 -6.24 -19.41
C ASP D 191 -24.91 -5.25 -20.28
N VAL D 192 -25.37 -4.00 -20.27
CA VAL D 192 -24.75 -2.92 -21.04
C VAL D 192 -23.60 -2.36 -20.23
N MET D 193 -22.43 -2.25 -20.85
CA MET D 193 -21.21 -1.85 -20.15
C MET D 193 -20.77 -0.43 -20.47
N SER D 194 -20.58 -0.11 -21.75
CA SER D 194 -19.97 1.16 -22.14
C SER D 194 -20.87 1.89 -23.13
N LEU D 195 -20.58 3.18 -23.31
CA LEU D 195 -21.30 4.03 -24.25
C LEU D 195 -20.37 5.11 -24.74
N SER D 196 -20.55 5.53 -25.99
CA SER D 196 -19.72 6.56 -26.61
C SER D 196 -20.55 7.41 -27.55
N LEU D 197 -20.40 8.73 -27.44
CA LEU D 197 -21.11 9.65 -28.32
C LEU D 197 -20.27 9.96 -29.56
N ALA D 198 -20.94 10.06 -30.69
CA ALA D 198 -20.25 10.39 -31.92
C ALA D 198 -19.93 11.88 -31.98
N PRO D 199 -18.96 12.29 -32.80
CA PRO D 199 -18.65 13.73 -32.89
C PRO D 199 -19.83 14.57 -33.32
N ASP D 200 -20.61 14.09 -34.30
CA ASP D 200 -21.77 14.85 -34.76
C ASP D 200 -22.85 14.97 -33.70
N THR D 201 -22.77 14.17 -32.63
CA THR D 201 -23.71 14.22 -31.52
C THR D 201 -25.09 13.70 -31.89
N ARG D 202 -25.26 13.14 -33.08
CA ARG D 202 -26.53 12.58 -33.51
C ARG D 202 -26.59 11.06 -33.38
N LEU D 203 -25.46 10.39 -33.20
CA LEU D 203 -25.40 8.95 -33.05
C LEU D 203 -24.53 8.59 -31.86
N PHE D 204 -24.81 7.41 -31.28
CA PHE D 204 -24.02 6.89 -30.18
C PHE D 204 -24.04 5.37 -30.22
N VAL D 205 -22.91 4.77 -29.86
CA VAL D 205 -22.73 3.33 -29.89
C VAL D 205 -22.61 2.82 -28.45
N SER D 206 -23.09 1.60 -28.22
CA SER D 206 -23.08 1.02 -26.89
C SER D 206 -22.75 -0.47 -27.00
N GLY D 207 -21.95 -0.96 -26.08
CA GLY D 207 -21.59 -2.37 -26.02
C GLY D 207 -22.14 -3.01 -24.75
N ALA D 208 -22.46 -4.30 -24.84
CA ALA D 208 -23.07 -5.02 -23.73
C ALA D 208 -22.37 -6.37 -23.57
N CYS D 209 -22.76 -7.08 -22.52
CA CYS D 209 -22.16 -8.38 -22.20
C CYS D 209 -22.59 -9.49 -23.15
N ASP D 210 -23.46 -9.22 -24.11
CA ASP D 210 -23.86 -10.23 -25.08
C ASP D 210 -22.84 -10.40 -26.20
N ALA D 211 -21.64 -9.83 -26.05
CA ALA D 211 -20.59 -9.93 -27.06
C ALA D 211 -20.99 -9.25 -28.36
N SER D 212 -21.64 -8.10 -28.27
CA SER D 212 -22.09 -7.36 -29.43
C SER D 212 -22.11 -5.86 -29.13
N ALA D 213 -22.06 -5.08 -30.20
CA ALA D 213 -22.16 -3.62 -30.12
C ALA D 213 -23.22 -3.14 -31.10
N LYS D 214 -23.96 -2.11 -30.71
CA LYS D 214 -25.08 -1.62 -31.48
C LYS D 214 -24.99 -0.11 -31.64
N LEU D 215 -25.38 0.38 -32.82
CA LEU D 215 -25.44 1.81 -33.11
C LEU D 215 -26.89 2.26 -32.97
N TRP D 216 -27.10 3.32 -32.19
CA TRP D 216 -28.43 3.81 -31.87
C TRP D 216 -28.60 5.25 -32.37
N ASP D 217 -29.82 5.59 -32.78
CA ASP D 217 -30.14 6.94 -33.20
C ASP D 217 -30.55 7.76 -31.98
N VAL D 218 -30.06 9.00 -31.90
CA VAL D 218 -30.33 9.83 -30.73
C VAL D 218 -31.81 10.21 -30.66
N ARG D 219 -32.44 10.46 -31.81
CA ARG D 219 -33.84 10.90 -31.85
C ARG D 219 -34.78 9.84 -32.38
N GLU D 220 -34.38 9.07 -33.39
CA GLU D 220 -35.26 8.03 -33.92
C GLU D 220 -35.37 6.86 -32.96
N GLY D 221 -34.33 6.61 -32.16
CA GLY D 221 -34.36 5.54 -31.20
C GLY D 221 -34.25 4.15 -31.78
N MET D 222 -33.94 4.03 -33.07
CA MET D 222 -33.85 2.73 -33.74
C MET D 222 -32.40 2.29 -33.84
N CYS D 223 -32.17 0.99 -33.64
CA CYS D 223 -30.84 0.42 -33.77
C CYS D 223 -30.46 0.34 -35.25
N ARG D 224 -29.51 1.19 -35.67
CA ARG D 224 -29.13 1.22 -37.07
C ARG D 224 -28.36 -0.05 -37.45
N GLN D 225 -27.35 -0.42 -36.67
CA GLN D 225 -26.51 -1.56 -37.00
C GLN D 225 -26.11 -2.28 -35.71
N THR D 226 -25.75 -3.55 -35.86
CA THR D 226 -25.28 -4.38 -34.76
C THR D 226 -24.06 -5.17 -35.21
N PHE D 227 -23.10 -5.32 -34.30
CA PHE D 227 -21.86 -6.03 -34.58
C PHE D 227 -21.65 -7.14 -33.57
N THR D 228 -21.18 -8.29 -34.04
CA THR D 228 -20.97 -9.46 -33.18
C THR D 228 -19.62 -10.12 -33.44
N GLY D 229 -18.55 -9.34 -33.53
CA GLY D 229 -17.25 -9.92 -33.81
C GLY D 229 -16.52 -10.39 -32.56
N HIS D 230 -16.85 -9.83 -31.41
CA HIS D 230 -16.15 -10.16 -30.18
C HIS D 230 -16.61 -11.50 -29.63
N GLU D 231 -15.79 -12.08 -28.75
CA GLU D 231 -16.06 -13.37 -28.16
C GLU D 231 -16.59 -13.30 -26.74
N SER D 232 -16.43 -12.17 -26.06
CA SER D 232 -16.82 -12.05 -24.67
C SER D 232 -17.48 -10.68 -24.47
N ASP D 233 -17.68 -10.31 -23.22
CA ASP D 233 -18.36 -9.05 -22.90
C ASP D 233 -17.54 -7.86 -23.39
N ILE D 234 -18.23 -6.83 -23.87
CA ILE D 234 -17.57 -5.59 -24.28
C ILE D 234 -17.37 -4.72 -23.04
N ASN D 235 -16.12 -4.38 -22.75
CA ASN D 235 -15.81 -3.59 -21.56
C ASN D 235 -15.76 -2.09 -21.84
N ALA D 236 -15.23 -1.69 -23.00
CA ALA D 236 -15.09 -0.28 -23.33
C ALA D 236 -15.42 -0.06 -24.80
N ILE D 237 -15.75 1.18 -25.13
CA ILE D 237 -16.10 1.57 -26.49
C ILE D 237 -15.75 3.04 -26.68
N CYS D 238 -15.25 3.36 -27.88
CA CYS D 238 -14.83 4.72 -28.19
C CYS D 238 -15.04 4.99 -29.67
N PHE D 239 -15.59 6.14 -30.00
CA PHE D 239 -15.85 6.53 -31.40
C PHE D 239 -14.64 7.14 -32.06
N PHE D 240 -14.29 6.64 -33.24
CA PHE D 240 -13.21 7.21 -34.01
C PHE D 240 -13.50 8.69 -34.29
N PRO D 241 -12.49 9.56 -34.20
CA PRO D 241 -12.75 11.00 -34.36
C PRO D 241 -13.52 11.37 -35.63
N ASN D 242 -13.53 10.50 -36.65
CA ASN D 242 -14.26 10.78 -37.87
C ASN D 242 -15.76 10.45 -37.75
N GLY D 243 -16.16 9.76 -36.67
CA GLY D 243 -17.55 9.42 -36.47
C GLY D 243 -18.04 8.22 -37.25
N ASN D 244 -17.27 7.73 -38.22
CA ASN D 244 -17.67 6.58 -39.02
C ASN D 244 -17.14 5.26 -38.50
N ALA D 245 -16.28 5.27 -37.48
CA ALA D 245 -15.70 4.07 -36.93
C ALA D 245 -15.61 4.18 -35.42
N PHE D 246 -15.45 3.03 -34.77
CA PHE D 246 -15.34 2.98 -33.32
C PHE D 246 -14.61 1.71 -32.91
N ALA D 247 -13.92 1.77 -31.78
CA ALA D 247 -13.20 0.64 -31.22
C ALA D 247 -13.96 0.07 -30.04
N THR D 248 -13.69 -1.20 -29.74
CA THR D 248 -14.36 -1.93 -28.67
C THR D 248 -13.37 -2.79 -27.92
N GLY D 249 -13.36 -2.68 -26.60
CA GLY D 249 -12.55 -3.52 -25.75
C GLY D 249 -13.40 -4.59 -25.10
N SER D 250 -12.88 -5.81 -25.06
CA SER D 250 -13.61 -6.97 -24.57
C SER D 250 -12.79 -7.71 -23.53
N ASP D 251 -13.48 -8.57 -22.78
CA ASP D 251 -12.82 -9.37 -21.75
C ASP D 251 -11.91 -10.42 -22.36
N ASP D 252 -12.05 -10.71 -23.65
CA ASP D 252 -11.27 -11.74 -24.29
C ASP D 252 -9.88 -11.24 -24.68
N ALA D 253 -9.49 -10.06 -24.18
CA ALA D 253 -8.16 -9.50 -24.37
C ALA D 253 -7.89 -9.09 -25.81
N THR D 254 -8.93 -8.72 -26.55
CA THR D 254 -8.79 -8.27 -27.93
C THR D 254 -9.62 -7.01 -28.16
N CYS D 255 -9.04 -6.07 -28.90
CA CYS D 255 -9.73 -4.86 -29.30
C CYS D 255 -9.98 -4.90 -30.80
N ARG D 256 -11.19 -4.54 -31.20
CA ARG D 256 -11.62 -4.60 -32.59
C ARG D 256 -12.06 -3.23 -33.07
N LEU D 257 -11.80 -2.95 -34.35
CA LEU D 257 -12.20 -1.70 -34.98
C LEU D 257 -13.35 -1.97 -35.94
N PHE D 258 -14.45 -1.23 -35.77
CA PHE D 258 -15.63 -1.37 -36.59
C PHE D 258 -15.93 -0.06 -37.30
N ASP D 259 -16.43 -0.15 -38.53
CA ASP D 259 -16.83 1.01 -39.31
C ASP D 259 -18.31 0.92 -39.64
N LEU D 260 -19.02 2.03 -39.45
CA LEU D 260 -20.47 2.03 -39.67
C LEU D 260 -20.80 1.88 -41.15
N ARG D 261 -20.05 2.54 -42.03
CA ARG D 261 -20.30 2.42 -43.46
C ARG D 261 -20.00 1.01 -43.95
N ALA D 262 -18.88 0.43 -43.52
CA ALA D 262 -18.54 -0.92 -43.93
C ALA D 262 -19.38 -1.96 -43.19
N ASP D 263 -19.84 -1.64 -41.99
CA ASP D 263 -20.66 -2.55 -41.19
C ASP D 263 -19.94 -3.88 -40.97
N GLN D 264 -18.62 -3.84 -40.78
CA GLN D 264 -17.84 -5.05 -40.63
C GLN D 264 -16.60 -4.73 -39.81
N GLU D 265 -16.04 -5.78 -39.19
CA GLU D 265 -14.83 -5.63 -38.39
C GLU D 265 -13.65 -5.36 -39.32
N LEU D 266 -12.87 -4.32 -39.01
CA LEU D 266 -11.73 -3.93 -39.83
C LEU D 266 -10.44 -4.62 -39.38
N MET D 267 -10.08 -4.46 -38.11
CA MET D 267 -8.86 -5.03 -37.58
C MET D 267 -9.09 -5.47 -36.14
N THR D 268 -8.29 -6.45 -35.70
CA THR D 268 -8.35 -6.97 -34.35
C THR D 268 -6.97 -6.79 -33.69
N TYR D 269 -6.93 -5.98 -32.64
CA TYR D 269 -5.69 -5.72 -31.90
C TYR D 269 -5.57 -6.74 -30.78
N SER D 270 -4.66 -7.70 -30.94
CA SER D 270 -4.48 -8.75 -29.95
C SER D 270 -3.02 -9.20 -29.97
N HIS D 271 -2.62 -9.83 -28.86
CA HIS D 271 -1.27 -10.35 -28.73
C HIS D 271 -1.31 -11.62 -27.90
N ASP D 272 -0.32 -12.49 -28.12
CA ASP D 272 -0.32 -13.80 -27.47
C ASP D 272 0.07 -13.72 -26.01
N ASN D 273 1.16 -12.99 -25.71
CA ASN D 273 1.67 -12.95 -24.33
C ASN D 273 0.61 -12.41 -23.37
N ILE D 274 -0.17 -11.42 -23.80
CA ILE D 274 -1.21 -10.82 -22.96
C ILE D 274 -2.49 -11.60 -23.19
N ILE D 275 -3.18 -11.94 -22.09
CA ILE D 275 -4.40 -12.74 -22.15
C ILE D 275 -5.53 -12.13 -21.35
N CYS D 276 -5.27 -11.14 -20.50
CA CYS D 276 -6.30 -10.53 -19.69
C CYS D 276 -7.10 -9.52 -20.51
N GLY D 277 -8.34 -9.30 -20.08
CA GLY D 277 -9.24 -8.44 -20.82
C GLY D 277 -8.82 -6.98 -20.80
N ILE D 278 -9.58 -6.18 -21.55
CA ILE D 278 -9.34 -4.74 -21.68
C ILE D 278 -10.38 -4.01 -20.85
N THR D 279 -10.00 -2.85 -20.32
CA THR D 279 -10.89 -2.05 -19.48
C THR D 279 -11.25 -0.70 -20.08
N SER D 280 -10.36 -0.10 -20.87
CA SER D 280 -10.63 1.21 -21.45
C SER D 280 -9.94 1.32 -22.80
N VAL D 281 -10.49 2.15 -23.68
CA VAL D 281 -9.93 2.40 -25.00
C VAL D 281 -10.18 3.86 -25.36
N SER D 282 -9.24 4.46 -26.09
CA SER D 282 -9.36 5.85 -26.49
C SER D 282 -8.51 6.08 -27.73
N PHE D 283 -8.88 7.12 -28.49
CA PHE D 283 -8.19 7.49 -29.71
C PHE D 283 -7.54 8.86 -29.57
N SER D 284 -6.46 9.07 -30.30
CA SER D 284 -5.87 10.38 -30.41
C SER D 284 -6.75 11.26 -31.31
N LYS D 285 -6.43 12.56 -31.33
CA LYS D 285 -7.21 13.48 -32.14
C LYS D 285 -7.18 13.10 -33.61
N SER D 286 -6.01 12.67 -34.11
CA SER D 286 -5.90 12.22 -35.50
C SER D 286 -6.38 10.80 -35.68
N GLY D 287 -6.50 10.02 -34.60
CA GLY D 287 -6.95 8.65 -34.68
C GLY D 287 -5.89 7.64 -35.06
N ARG D 288 -4.66 8.09 -35.36
CA ARG D 288 -3.61 7.16 -35.73
C ARG D 288 -3.21 6.28 -34.54
N LEU D 289 -3.20 6.85 -33.34
CA LEU D 289 -2.81 6.13 -32.13
C LEU D 289 -4.06 5.67 -31.40
N LEU D 290 -4.16 4.36 -31.18
CA LEU D 290 -5.26 3.76 -30.42
C LEU D 290 -4.71 3.26 -29.09
N LEU D 291 -5.09 3.93 -28.01
CA LEU D 291 -4.65 3.58 -26.67
C LEU D 291 -5.71 2.71 -26.00
N ALA D 292 -5.26 1.69 -25.29
CA ALA D 292 -6.15 0.73 -24.64
C ALA D 292 -5.61 0.39 -23.27
N GLY D 293 -6.46 0.53 -22.25
CA GLY D 293 -6.07 0.18 -20.89
C GLY D 293 -6.34 -1.28 -20.59
N TYR D 294 -5.28 -2.05 -20.40
CA TYR D 294 -5.38 -3.48 -20.15
C TYR D 294 -5.40 -3.76 -18.65
N ASP D 295 -5.77 -4.99 -18.31
CA ASP D 295 -5.83 -5.43 -16.92
C ASP D 295 -4.52 -5.99 -16.40
N ASP D 296 -3.44 -5.76 -17.10
CA ASP D 296 -2.17 -6.26 -16.71
C ASP D 296 -1.37 -5.20 -16.05
N PHE D 297 -1.99 -4.34 -15.27
CA PHE D 297 -1.32 -3.29 -14.50
C PHE D 297 -0.51 -2.36 -15.40
N ASN D 298 -0.94 -2.21 -16.64
CA ASN D 298 -0.26 -1.34 -17.60
C ASN D 298 -1.23 -0.98 -18.71
N CYS D 299 -0.81 -0.07 -19.58
CA CYS D 299 -1.60 0.35 -20.73
C CYS D 299 -0.75 0.22 -21.99
N ASN D 300 -1.42 -0.07 -23.10
CA ASN D 300 -0.77 -0.29 -24.38
C ASN D 300 -1.24 0.74 -25.40
N VAL D 301 -0.33 1.14 -26.29
CA VAL D 301 -0.62 2.05 -27.37
C VAL D 301 -0.54 1.27 -28.67
N TRP D 302 -1.63 1.30 -29.45
CA TRP D 302 -1.74 0.54 -30.68
C TRP D 302 -1.86 1.46 -31.88
N ASP D 303 -1.31 1.02 -33.01
CA ASP D 303 -1.44 1.74 -34.27
C ASP D 303 -2.77 1.37 -34.91
N ALA D 304 -3.69 2.34 -35.00
CA ALA D 304 -5.02 2.05 -35.52
C ALA D 304 -5.00 1.55 -36.96
N LEU D 305 -3.94 1.85 -37.72
CA LEU D 305 -3.86 1.45 -39.12
C LEU D 305 -3.03 0.19 -39.33
N LYS D 306 -2.26 -0.24 -38.34
CA LYS D 306 -1.44 -1.44 -38.48
C LYS D 306 -1.54 -2.42 -37.34
N ALA D 307 -2.11 -2.05 -36.18
CA ALA D 307 -2.26 -2.95 -35.05
C ALA D 307 -0.91 -3.46 -34.57
N ASP D 308 -0.06 -2.52 -34.15
CA ASP D 308 1.27 -2.83 -33.63
C ASP D 308 1.47 -2.11 -32.30
N ARG D 309 2.33 -2.69 -31.47
CA ARG D 309 2.60 -2.16 -30.14
C ARG D 309 3.50 -0.93 -30.29
N ALA D 310 2.87 0.24 -30.39
CA ALA D 310 3.64 1.47 -30.52
C ALA D 310 4.33 1.83 -29.22
N GLY D 311 3.65 1.67 -28.09
CA GLY D 311 4.23 1.99 -26.80
C GLY D 311 3.52 1.24 -25.70
N VAL D 312 4.12 1.28 -24.51
CA VAL D 312 3.59 0.60 -23.33
C VAL D 312 3.76 1.53 -22.14
N LEU D 313 2.68 1.75 -21.40
CA LEU D 313 2.70 2.60 -20.21
C LEU D 313 2.63 1.68 -18.98
N ALA D 314 3.71 1.63 -18.22
CA ALA D 314 3.81 0.77 -17.04
C ALA D 314 3.96 1.57 -15.75
N GLY D 315 3.50 2.83 -15.73
CA GLY D 315 3.63 3.62 -14.52
C GLY D 315 2.70 3.16 -13.41
N HIS D 316 1.48 2.76 -13.76
CA HIS D 316 0.52 2.34 -12.76
C HIS D 316 0.92 1.00 -12.15
N ASP D 317 0.58 0.82 -10.86
CA ASP D 317 0.90 -0.41 -10.15
C ASP D 317 -0.27 -1.38 -10.12
N ASN D 318 -1.50 -0.87 -10.13
CA ASN D 318 -2.70 -1.70 -10.07
C ASN D 318 -3.40 -1.68 -11.43
N ARG D 319 -4.53 -2.37 -11.50
CA ARG D 319 -5.29 -2.47 -12.74
C ARG D 319 -5.70 -1.09 -13.24
N VAL D 320 -5.45 -0.82 -14.51
CA VAL D 320 -5.90 0.43 -15.13
C VAL D 320 -7.41 0.37 -15.32
N SER D 321 -8.10 1.43 -14.89
CA SER D 321 -9.55 1.46 -14.90
C SER D 321 -10.15 2.44 -15.89
N CYS D 322 -9.48 3.55 -16.18
CA CYS D 322 -10.02 4.56 -17.08
C CYS D 322 -8.91 5.11 -17.94
N LEU D 323 -9.30 5.71 -19.07
CA LEU D 323 -8.35 6.25 -20.02
C LEU D 323 -9.07 7.27 -20.90
N GLY D 324 -8.38 8.37 -21.21
CA GLY D 324 -8.96 9.42 -22.01
C GLY D 324 -7.94 10.40 -22.55
N VAL D 325 -8.14 10.84 -23.80
CA VAL D 325 -7.25 11.79 -24.45
C VAL D 325 -7.96 13.13 -24.53
N THR D 326 -7.20 14.21 -24.37
CA THR D 326 -7.78 15.55 -24.43
C THR D 326 -8.40 15.79 -25.81
N ASP D 327 -9.29 16.78 -25.88
CA ASP D 327 -9.93 17.12 -27.14
C ASP D 327 -8.92 17.56 -28.19
N ASP D 328 -7.77 18.10 -27.78
CA ASP D 328 -6.73 18.54 -28.69
C ASP D 328 -5.58 17.54 -28.79
N GLY D 329 -5.63 16.44 -28.04
CA GLY D 329 -4.56 15.47 -28.07
C GLY D 329 -3.27 15.92 -27.43
N MET D 330 -3.30 17.00 -26.65
CA MET D 330 -2.06 17.50 -26.04
C MET D 330 -1.50 16.52 -25.02
N ALA D 331 -2.36 15.75 -24.35
CA ALA D 331 -1.91 14.82 -23.32
C ALA D 331 -2.95 13.73 -23.14
N VAL D 332 -2.51 12.65 -22.49
CA VAL D 332 -3.36 11.49 -22.20
C VAL D 332 -3.45 11.33 -20.69
N ALA D 333 -4.64 10.99 -20.21
CA ALA D 333 -4.89 10.73 -18.80
C ALA D 333 -5.27 9.28 -18.61
N THR D 334 -4.68 8.63 -17.61
CA THR D 334 -4.93 7.22 -17.33
C THR D 334 -5.03 7.05 -15.82
N GLY D 335 -6.17 6.55 -15.36
CA GLY D 335 -6.37 6.26 -13.95
C GLY D 335 -6.27 4.78 -13.66
N SER D 336 -6.07 4.42 -12.39
CA SER D 336 -5.91 3.03 -12.01
C SER D 336 -6.47 2.82 -10.61
N TRP D 337 -6.58 1.56 -10.22
CA TRP D 337 -7.08 1.21 -8.89
C TRP D 337 -6.11 1.56 -7.78
N ASP D 338 -4.91 2.05 -8.10
CA ASP D 338 -3.94 2.46 -7.10
C ASP D 338 -4.22 3.86 -6.55
N SER D 339 -5.32 4.49 -6.98
CA SER D 339 -5.73 5.81 -6.52
C SER D 339 -4.86 6.93 -7.08
N PHE D 340 -4.16 6.69 -8.18
CA PHE D 340 -3.29 7.68 -8.79
C PHE D 340 -3.64 7.87 -10.26
N LEU D 341 -3.78 9.13 -10.67
CA LEU D 341 -3.99 9.49 -12.06
C LEU D 341 -2.72 10.12 -12.61
N LYS D 342 -2.26 9.62 -13.75
CA LYS D 342 -1.03 10.07 -14.37
C LYS D 342 -1.33 10.64 -15.75
N ILE D 343 -0.73 11.80 -16.05
CA ILE D 343 -0.86 12.44 -17.35
C ILE D 343 0.37 12.14 -18.18
N TRP D 344 0.17 11.78 -19.44
CA TRP D 344 1.24 11.38 -20.33
C TRP D 344 1.16 12.18 -21.63
N ASN D 345 2.32 12.49 -22.19
CA ASN D 345 2.40 13.20 -23.46
C ASN D 345 3.83 13.21 -24.00
N VAL E 15 -37.26 -9.11 -34.83
CA VAL E 15 -37.52 -9.33 -36.28
C VAL E 15 -37.44 -8.00 -37.02
N GLU E 16 -38.16 -7.00 -36.50
CA GLU E 16 -38.15 -5.68 -37.12
C GLU E 16 -36.75 -5.06 -37.08
N GLN E 17 -36.08 -5.15 -35.94
CA GLN E 17 -34.74 -4.58 -35.82
C GLN E 17 -33.77 -5.26 -36.78
N LEU E 18 -33.90 -6.58 -36.94
CA LEU E 18 -33.00 -7.30 -37.83
C LEU E 18 -33.18 -6.89 -39.28
N LYS E 19 -34.42 -6.88 -39.76
CA LYS E 19 -34.67 -6.48 -41.14
C LYS E 19 -34.33 -5.01 -41.36
N MET E 20 -34.44 -4.19 -40.31
CA MET E 20 -34.04 -2.80 -40.41
C MET E 20 -32.54 -2.68 -40.60
N GLU E 21 -31.76 -3.37 -39.78
CA GLU E 21 -30.31 -3.38 -39.96
C GLU E 21 -29.91 -3.95 -41.31
N ALA E 22 -30.67 -4.92 -41.83
CA ALA E 22 -30.34 -5.51 -43.13
C ALA E 22 -30.68 -4.57 -44.27
N ASN E 23 -31.73 -3.75 -44.11
CA ASN E 23 -32.14 -2.86 -45.19
C ASN E 23 -31.13 -1.75 -45.41
N ILE E 24 -30.52 -1.25 -44.34
CA ILE E 24 -29.57 -0.16 -44.47
C ILE E 24 -28.45 -0.56 -45.41
N ASP E 25 -28.02 0.38 -46.25
CA ASP E 25 -26.98 0.10 -47.23
C ASP E 25 -25.64 -0.12 -46.54
N ARG E 26 -24.64 -0.49 -47.35
CA ARG E 26 -23.29 -0.75 -46.87
C ARG E 26 -22.28 -0.29 -47.91
N ILE E 27 -21.03 -0.20 -47.49
CA ILE E 27 -19.94 0.27 -48.34
C ILE E 27 -18.79 -0.70 -48.25
N LYS E 28 -17.96 -0.74 -49.29
CA LYS E 28 -16.81 -1.63 -49.32
C LYS E 28 -15.87 -1.29 -48.17
N VAL E 29 -15.09 -2.29 -47.74
CA VAL E 29 -14.16 -2.10 -46.64
C VAL E 29 -12.97 -1.25 -47.09
N SER E 30 -12.54 -1.42 -48.35
CA SER E 30 -11.39 -0.68 -48.84
C SER E 30 -11.64 0.82 -48.82
N LYS E 31 -12.85 1.25 -49.19
CA LYS E 31 -13.15 2.68 -49.19
C LYS E 31 -13.11 3.26 -47.78
N ALA E 32 -13.68 2.54 -46.82
CA ALA E 32 -13.65 3.01 -45.44
C ALA E 32 -12.22 3.06 -44.91
N ALA E 33 -11.41 2.06 -45.26
CA ALA E 33 -10.02 2.05 -44.81
C ALA E 33 -9.24 3.20 -45.43
N ALA E 34 -9.49 3.49 -46.71
CA ALA E 34 -8.82 4.62 -47.35
C ALA E 34 -9.26 5.94 -46.71
N ASP E 35 -10.54 6.06 -46.37
CA ASP E 35 -11.00 7.26 -45.68
C ASP E 35 -10.32 7.41 -44.32
N LEU E 36 -10.21 6.31 -43.58
CA LEU E 36 -9.51 6.36 -42.29
C LEU E 36 -8.06 6.79 -42.48
N MET E 37 -7.37 6.21 -43.46
CA MET E 37 -5.97 6.57 -43.70
C MET E 37 -5.85 8.05 -44.06
N ALA E 38 -6.75 8.55 -44.91
CA ALA E 38 -6.72 9.95 -45.28
C ALA E 38 -6.95 10.85 -44.08
N TYR E 39 -7.90 10.47 -43.21
CA TYR E 39 -8.15 11.25 -42.00
C TYR E 39 -6.91 11.28 -41.11
N CYS E 40 -6.27 10.13 -40.91
CA CYS E 40 -5.07 10.09 -40.07
C CYS E 40 -3.94 10.92 -40.67
N GLU E 41 -3.79 10.87 -41.99
CA GLU E 41 -2.71 11.60 -42.65
C GLU E 41 -2.94 13.10 -42.56
N ALA E 42 -4.19 13.53 -42.79
CA ALA E 42 -4.48 14.96 -42.79
C ALA E 42 -4.18 15.58 -41.43
N HIS E 43 -4.63 14.94 -40.36
CA HIS E 43 -4.46 15.44 -39.01
C HIS E 43 -3.16 14.95 -38.36
N ALA E 44 -2.20 14.48 -39.15
CA ALA E 44 -0.95 13.98 -38.59
C ALA E 44 -0.20 15.08 -37.85
N LYS E 45 0.00 16.23 -38.50
CA LYS E 45 0.74 17.31 -37.87
C LYS E 45 0.00 17.85 -36.66
N GLU E 46 -1.33 17.85 -36.70
CA GLU E 46 -2.10 18.41 -35.59
C GLU E 46 -2.01 17.54 -34.35
N ASP E 47 -1.89 16.23 -34.51
CA ASP E 47 -1.82 15.33 -33.37
C ASP E 47 -0.54 15.56 -32.58
N PRO E 48 -0.61 16.06 -31.34
CA PRO E 48 0.63 16.25 -30.56
C PRO E 48 1.27 14.95 -30.10
N LEU E 49 0.52 13.85 -30.06
CA LEU E 49 1.07 12.57 -29.62
C LEU E 49 1.82 11.83 -30.71
N LEU E 50 1.42 12.00 -31.97
CA LEU E 50 2.09 11.31 -33.06
C LEU E 50 3.50 11.86 -33.26
N THR E 51 3.65 13.18 -33.29
CA THR E 51 4.94 13.82 -33.46
C THR E 51 5.33 14.53 -32.16
N PRO E 52 6.58 14.48 -31.73
CA PRO E 52 6.95 15.16 -30.48
C PRO E 52 6.78 16.68 -30.62
N VAL E 53 6.36 17.29 -29.52
CA VAL E 53 6.13 18.74 -29.47
C VAL E 53 7.24 19.38 -28.64
N PRO E 54 7.76 20.54 -29.04
CA PRO E 54 8.80 21.19 -28.22
C PRO E 54 8.30 21.50 -26.82
N ALA E 55 9.25 21.60 -25.89
CA ALA E 55 8.89 21.86 -24.50
C ALA E 55 8.18 23.20 -24.36
N SER E 56 8.59 24.20 -25.14
CA SER E 56 7.95 25.52 -25.04
C SER E 56 6.46 25.43 -25.33
N GLU E 57 6.08 24.70 -26.37
CA GLU E 57 4.66 24.56 -26.71
C GLU E 57 3.96 23.63 -25.73
N ASN E 58 4.67 22.64 -25.22
CA ASN E 58 4.07 21.68 -24.29
C ASN E 58 3.71 22.38 -22.99
N PRO E 59 2.44 22.42 -22.59
CA PRO E 59 2.09 23.06 -21.31
C PRO E 59 2.54 22.28 -20.09
N PHE E 60 2.89 21.00 -20.24
CA PHE E 60 3.37 20.19 -19.12
C PHE E 60 4.90 20.22 -19.11
N ARG E 61 5.43 21.38 -18.72
CA ARG E 61 6.88 21.57 -18.68
C ARG E 61 7.53 20.57 -17.74
N GLU E 62 7.17 20.61 -16.47
CA GLU E 62 7.75 19.70 -15.48
C GLU E 62 6.66 19.12 -14.58
#